data_4GNM
#
_entry.id   4GNM
#
_cell.length_a   60.491
_cell.length_b   84.706
_cell.length_c   118.775
_cell.angle_alpha   90.00
_cell.angle_beta   90.00
_cell.angle_gamma   90.00
#
_symmetry.space_group_name_H-M   'P 21 21 21'
#
loop_
_entity.id
_entity.type
_entity.pdbx_description
1 polymer 'Phosphoenolpyruvate carboxykinase, cytosolic [GTP]'
2 non-polymer "GUANOSINE-5'-TRIPHOSPHATE"
3 non-polymer 'MANGANESE (II) ION'
4 non-polymer 'SODIUM ION'
5 non-polymer 'OXALATE ION'
6 water water
#
_entity_poly.entity_id   1
_entity_poly.type   'polypeptide(L)'
_entity_poly.pdbx_seq_one_letter_code
;MPPQLHNGLDFSAKVIQGSLDSLPQEVRKFVEGNAQLCQPEYIHICDGSEEEYGRLLAHMQEEGVIRKLKKYDNCWLALT
DPRDVARIESKTVIITQEQRDTVPIPKSGQSQLGRWMSEEDFEKAFNARFPGCMKGRTMYVIPFSMGPLGSPLAKIGIEL
TDSPYVVASMRIMTRMGTSVLEALGDGEFIKCLHSVGCPLPLKKPLVNNWACNPELTLIAHLPDRREIISFGSGYGGNSL
LGKKCFALRIASRLAKEEGWLAEHMLILGITNPEGKKKYLAAAFPSACGKTNLAMMNPTLPGWKVECVGDDIAWMKFDAQ
GNLRAINPENGFFGVAPGTSVKTNPNAIKTIQKNTIFTNVAETSDGGVYWEGIDEPLAPGVTITSWKNKEWRPQDEEPCA
HPNSRFCTPASQCPIIDPAWESPEGVPIEGIIFGGRRPAGVPLVYEALSWQHGVFVGAAMRSEGGIMHDPFAMRPFFGYN
FGKYLAHWLSMAHRPAAKLPKIFHVNWFRKDKNGKFLWPGFGENSRVLEWMFGRIEGEDSAKLTPIGYVPKEDALNLKGL
GDVNVEELFGISKEFWEKEVEEIDKYLEDQVNADLPYEIERELRALKQRISQM
;
_entity_poly.pdbx_strand_id   A
#
loop_
_chem_comp.id
_chem_comp.type
_chem_comp.name
_chem_comp.formula
GTP non-polymer GUANOSINE-5'-TRIPHOSPHATE 'C10 H16 N5 O14 P3'
MN non-polymer 'MANGANESE (II) ION' 'Mn 2'
NA non-polymer 'SODIUM ION' 'Na 1'
OXL non-polymer 'OXALATE ION' 'C2 O4 -2'
#
# COMPACT_ATOMS: atom_id res chain seq x y z
N GLN A 4 -34.93 0.01 27.18
CA GLN A 4 -35.79 0.60 26.11
C GLN A 4 -37.30 0.29 26.25
N LEU A 5 -38.13 1.05 25.55
CA LEU A 5 -39.57 0.97 25.75
C LEU A 5 -40.23 -0.04 24.83
N HIS A 6 -39.46 -0.46 23.81
CA HIS A 6 -39.88 -1.40 22.74
C HIS A 6 -38.77 -2.34 22.37
N LEU A 9 -32.68 -0.27 20.84
CA LEU A 9 -32.02 -0.98 19.74
C LEU A 9 -31.22 -2.20 20.23
N ASP A 10 -31.91 -3.21 20.78
CA ASP A 10 -31.25 -4.45 21.19
C ASP A 10 -31.28 -5.50 20.08
N PHE A 11 -30.15 -5.69 19.40
CA PHE A 11 -30.13 -6.58 18.23
C PHE A 11 -29.74 -8.03 18.52
N SER A 12 -29.81 -8.43 19.79
CA SER A 12 -29.41 -9.77 20.20
C SER A 12 -30.11 -10.87 19.40
N ALA A 13 -31.36 -10.68 19.02
CA ALA A 13 -32.14 -11.75 18.37
C ALA A 13 -31.61 -12.10 16.99
N LYS A 14 -30.82 -11.19 16.40
CA LYS A 14 -30.33 -11.37 15.05
C LYS A 14 -28.88 -11.84 14.96
N VAL A 15 -28.27 -12.14 16.12
CA VAL A 15 -26.86 -12.60 16.16
C VAL A 15 -26.77 -14.10 15.80
N ILE A 16 -26.04 -14.41 14.75
CA ILE A 16 -25.94 -15.79 14.26
C ILE A 16 -24.54 -16.37 14.49
N GLN A 17 -23.66 -15.54 15.05
CA GLN A 17 -22.39 -16.01 15.54
C GLN A 17 -21.85 -15.08 16.59
N GLY A 18 -21.44 -15.67 17.73
CA GLY A 18 -20.96 -14.87 18.84
C GLY A 18 -22.07 -14.36 19.75
N SER A 19 -21.76 -13.30 20.48
CA SER A 19 -22.68 -12.70 21.42
C SER A 19 -22.37 -11.24 21.62
N LEU A 20 -23.39 -10.40 21.48
CA LEU A 20 -23.27 -9.00 21.81
C LEU A 20 -22.83 -8.77 23.26
N ASP A 21 -23.21 -9.71 24.14
CA ASP A 21 -22.90 -9.56 25.57
C ASP A 21 -21.43 -9.75 25.82
N SER A 22 -20.77 -10.54 24.94
CA SER A 22 -19.32 -10.83 24.95
C SER A 22 -18.44 -9.63 24.58
N LEU A 23 -18.96 -8.69 23.79
CA LEU A 23 -18.20 -7.58 23.26
C LEU A 23 -17.90 -6.50 24.29
N PRO A 24 -16.71 -5.87 24.20
CA PRO A 24 -16.48 -4.70 25.02
C PRO A 24 -17.62 -3.71 24.82
N GLN A 25 -17.95 -2.95 25.84
CA GLN A 25 -19.09 -2.04 25.78
C GLN A 25 -19.09 -1.12 24.56
N GLU A 26 -17.96 -0.47 24.28
CA GLU A 26 -17.90 0.49 23.17
C GLU A 26 -18.02 -0.22 21.82
N VAL A 27 -17.52 -1.45 21.73
CA VAL A 27 -17.68 -2.24 20.48
C VAL A 27 -19.18 -2.52 20.27
N ARG A 28 -19.86 -2.92 21.35
CA ARG A 28 -21.28 -3.22 21.24
C ARG A 28 -22.06 -2.00 20.77
N LYS A 29 -21.76 -0.82 21.34
CA LYS A 29 -22.44 0.40 20.96
C LYS A 29 -22.24 0.68 19.46
N PHE A 30 -21.01 0.49 18.98
CA PHE A 30 -20.70 0.72 17.56
C PHE A 30 -21.50 -0.26 16.69
N VAL A 31 -21.53 -1.52 17.08
CA VAL A 31 -22.26 -2.56 16.29
C VAL A 31 -23.76 -2.23 16.28
N GLU A 32 -24.34 -2.02 17.46
CA GLU A 32 -25.78 -1.87 17.56
C GLU A 32 -26.27 -0.53 16.95
N GLY A 33 -25.50 0.55 17.07
CA GLY A 33 -25.88 1.81 16.44
C GLY A 33 -25.90 1.65 14.92
N ASN A 34 -24.95 0.90 14.38
CA ASN A 34 -24.91 0.78 12.92
C ASN A 34 -25.84 -0.31 12.42
N ALA A 35 -26.19 -1.27 13.29
CA ALA A 35 -27.26 -2.22 12.99
C ALA A 35 -28.60 -1.47 12.90
N GLN A 36 -28.83 -0.54 13.82
CA GLN A 36 -30.13 0.22 13.75
C GLN A 36 -30.18 0.99 12.46
N LEU A 37 -29.03 1.56 12.10
CA LEU A 37 -28.95 2.41 10.92
C LEU A 37 -29.10 1.60 9.65
N CYS A 38 -28.30 0.56 9.52
CA CYS A 38 -28.17 -0.15 8.25
C CYS A 38 -29.20 -1.26 8.05
N GLN A 39 -29.83 -1.69 9.16
CA GLN A 39 -30.90 -2.71 9.12
CA GLN A 39 -30.90 -2.70 9.15
C GLN A 39 -30.48 -4.07 8.52
N PRO A 40 -29.32 -4.64 8.96
CA PRO A 40 -29.03 -6.00 8.43
C PRO A 40 -30.03 -7.03 8.95
N GLU A 41 -30.13 -8.15 8.22
CA GLU A 41 -31.00 -9.25 8.63
CA GLU A 41 -30.98 -9.24 8.62
C GLU A 41 -30.34 -10.03 9.76
N TYR A 42 -29.01 -10.19 9.66
CA TYR A 42 -28.23 -11.04 10.58
CA TYR A 42 -28.23 -10.97 10.64
C TYR A 42 -26.99 -10.25 11.06
N ILE A 43 -26.48 -10.57 12.23
CA ILE A 43 -25.17 -10.01 12.68
C ILE A 43 -24.25 -11.20 12.95
N HIS A 44 -23.06 -11.22 12.37
CA HIS A 44 -22.11 -12.33 12.55
C HIS A 44 -20.87 -11.76 13.14
N ILE A 45 -20.59 -12.04 14.42
CA ILE A 45 -19.34 -11.59 15.05
C ILE A 45 -18.21 -12.56 14.66
N CYS A 46 -17.28 -12.12 13.80
CA CYS A 46 -16.23 -13.02 13.32
C CYS A 46 -15.30 -13.46 14.46
N ASP A 47 -14.95 -14.73 14.41
CA ASP A 47 -13.99 -15.29 15.37
C ASP A 47 -12.59 -15.53 14.77
N GLY A 48 -12.47 -15.40 13.44
CA GLY A 48 -11.21 -15.57 12.77
C GLY A 48 -10.77 -17.03 12.63
N SER A 49 -11.63 -17.96 12.99
CA SER A 49 -11.29 -19.39 12.93
C SER A 49 -11.20 -19.97 11.53
N GLU A 50 -10.46 -21.07 11.37
CA GLU A 50 -10.37 -21.78 10.09
CA GLU A 50 -10.37 -21.75 10.08
C GLU A 50 -11.75 -22.25 9.63
N GLU A 51 -12.54 -22.70 10.59
CA GLU A 51 -13.89 -23.24 10.37
C GLU A 51 -14.73 -22.14 9.73
N GLU A 52 -14.72 -20.97 10.36
CA GLU A 52 -15.47 -19.81 9.86
C GLU A 52 -15.10 -19.45 8.43
N TYR A 53 -13.80 -19.40 8.20
CA TYR A 53 -13.26 -19.07 6.89
C TYR A 53 -13.67 -20.07 5.83
N GLY A 54 -13.47 -21.36 6.09
CA GLY A 54 -13.85 -22.38 5.10
C GLY A 54 -15.34 -22.34 4.78
N ARG A 55 -16.17 -22.19 5.80
CA ARG A 55 -17.62 -22.07 5.64
C ARG A 55 -17.98 -20.85 4.78
N LEU A 56 -17.35 -19.72 5.05
CA LEU A 56 -17.61 -18.49 4.31
C LEU A 56 -17.23 -18.62 2.82
N LEU A 57 -16.12 -19.28 2.52
CA LEU A 57 -15.67 -19.48 1.17
C LEU A 57 -16.67 -20.39 0.41
N ALA A 58 -17.03 -21.47 1.07
CA ALA A 58 -17.91 -22.50 0.47
C ALA A 58 -19.27 -21.87 0.19
N HIS A 59 -19.72 -21.00 1.09
CA HIS A 59 -20.95 -20.21 0.88
C HIS A 59 -20.86 -19.31 -0.31
N MET A 60 -19.82 -18.47 -0.34
CA MET A 60 -19.59 -17.63 -1.50
C MET A 60 -19.52 -18.45 -2.77
N GLN A 61 -18.89 -19.63 -2.72
CA GLN A 61 -18.79 -20.50 -3.91
C GLN A 61 -20.18 -20.95 -4.39
N GLU A 62 -21.02 -21.32 -3.43
CA GLU A 62 -22.36 -21.82 -3.78
CA GLU A 62 -22.35 -21.83 -3.76
C GLU A 62 -23.20 -20.72 -4.40
N GLU A 63 -23.00 -19.47 -3.97
CA GLU A 63 -23.73 -18.33 -4.56
C GLU A 63 -23.15 -17.82 -5.88
N GLY A 64 -22.03 -18.39 -6.32
CA GLY A 64 -21.39 -17.93 -7.57
C GLY A 64 -20.60 -16.65 -7.39
N VAL A 65 -20.39 -16.24 -6.14
CA VAL A 65 -19.58 -15.07 -5.87
C VAL A 65 -18.07 -15.32 -6.11
N ILE A 66 -17.60 -16.51 -5.76
CA ILE A 66 -16.22 -16.88 -6.03
C ILE A 66 -16.17 -18.29 -6.64
N ARG A 67 -15.07 -18.59 -7.31
CA ARG A 67 -14.83 -19.92 -7.88
C ARG A 67 -13.59 -20.51 -7.21
N LYS A 68 -13.62 -21.82 -6.99
CA LYS A 68 -12.43 -22.52 -6.47
C LYS A 68 -11.51 -22.76 -7.67
N LEU A 69 -10.20 -22.56 -7.48
CA LEU A 69 -9.18 -22.79 -8.54
C LEU A 69 -8.62 -24.18 -8.32
N LYS A 70 -9.07 -25.14 -9.12
CA LYS A 70 -8.84 -26.55 -8.79
C LYS A 70 -7.38 -26.99 -8.90
N LYS A 71 -6.56 -26.20 -9.59
CA LYS A 71 -5.15 -26.56 -9.78
C LYS A 71 -4.31 -26.39 -8.52
N TYR A 72 -4.82 -25.62 -7.55
CA TYR A 72 -4.06 -25.20 -6.39
C TYR A 72 -4.69 -25.66 -5.11
N ASP A 73 -3.98 -25.44 -4.01
CA ASP A 73 -4.41 -25.82 -2.68
C ASP A 73 -5.20 -24.66 -2.05
N ASN A 74 -6.53 -24.81 -1.95
CA ASN A 74 -7.37 -23.80 -1.28
C ASN A 74 -7.15 -22.38 -1.88
N CYS A 75 -7.18 -22.27 -3.19
CA CYS A 75 -7.15 -20.92 -3.80
C CYS A 75 -8.46 -20.66 -4.49
N TRP A 76 -8.77 -19.35 -4.64
CA TRP A 76 -10.10 -18.91 -5.04
C TRP A 76 -9.99 -17.74 -5.97
N LEU A 77 -11.00 -17.59 -6.82
CA LEU A 77 -11.07 -16.51 -7.82
C LEU A 77 -12.38 -15.74 -7.73
N ALA A 78 -12.23 -14.41 -7.57
CA ALA A 78 -13.36 -13.48 -7.63
C ALA A 78 -13.22 -12.61 -8.89
N LEU A 79 -14.30 -12.53 -9.68
CA LEU A 79 -14.37 -11.63 -10.86
C LEU A 79 -15.43 -10.55 -10.56
N THR A 80 -15.00 -9.31 -10.60
CA THR A 80 -15.86 -8.20 -10.20
C THR A 80 -16.66 -7.63 -11.36
N ASP A 81 -17.64 -6.83 -10.99
CA ASP A 81 -18.28 -5.89 -11.90
C ASP A 81 -17.16 -4.98 -12.38
N PRO A 82 -17.01 -4.77 -13.71
CA PRO A 82 -15.86 -3.99 -14.20
C PRO A 82 -15.93 -2.50 -13.78
N ARG A 83 -17.08 -2.06 -13.27
CA ARG A 83 -17.17 -0.71 -12.71
C ARG A 83 -16.48 -0.57 -11.34
N ASP A 84 -16.14 -1.71 -10.75
CA ASP A 84 -15.55 -1.74 -9.40
C ASP A 84 -14.24 -2.51 -9.43
N VAL A 85 -13.17 -1.86 -9.87
CA VAL A 85 -11.89 -2.58 -10.09
C VAL A 85 -10.64 -1.94 -9.49
N ALA A 86 -10.81 -0.75 -8.90
CA ALA A 86 -9.68 0.00 -8.37
C ALA A 86 -10.20 0.99 -7.34
N ARG A 87 -9.28 1.55 -6.55
CA ARG A 87 -9.52 2.75 -5.76
C ARG A 87 -10.02 3.86 -6.67
N ILE A 88 -11.03 4.62 -6.20
CA ILE A 88 -11.57 5.77 -6.97
C ILE A 88 -11.14 7.03 -6.21
N GLU A 89 -10.05 7.65 -6.64
CA GLU A 89 -9.49 8.78 -5.91
CA GLU A 89 -9.50 8.82 -5.95
C GLU A 89 -10.49 9.96 -5.82
N SER A 90 -11.32 10.15 -6.87
CA SER A 90 -12.26 11.26 -6.84
C SER A 90 -13.44 11.06 -5.91
N LYS A 91 -13.59 9.83 -5.43
CA LYS A 91 -14.65 9.51 -4.50
C LYS A 91 -14.02 9.16 -3.14
N THR A 92 -12.76 9.55 -2.93
CA THR A 92 -12.08 9.23 -1.70
C THR A 92 -11.82 10.57 -1.05
N VAL A 93 -12.32 10.76 0.17
CA VAL A 93 -12.28 12.08 0.77
C VAL A 93 -11.92 12.08 2.25
N ILE A 94 -11.43 13.21 2.75
CA ILE A 94 -11.08 13.33 4.18
C ILE A 94 -11.89 14.51 4.71
N ILE A 95 -12.56 14.32 5.84
CA ILE A 95 -13.42 15.37 6.44
C ILE A 95 -12.67 15.99 7.60
N THR A 96 -12.52 17.32 7.55
CA THR A 96 -11.95 18.13 8.63
C THR A 96 -12.72 19.45 8.67
N GLN A 97 -12.61 20.15 9.78
CA GLN A 97 -13.26 21.46 9.94
C GLN A 97 -12.77 22.45 8.90
N GLU A 98 -11.46 22.49 8.69
CA GLU A 98 -10.90 23.40 7.66
C GLU A 98 -10.25 22.62 6.53
N GLN A 99 -10.51 23.01 5.28
CA GLN A 99 -9.89 22.35 4.12
C GLN A 99 -8.36 22.33 4.16
N ARG A 100 -7.75 23.44 4.53
CA ARG A 100 -6.29 23.55 4.57
C ARG A 100 -5.62 22.58 5.53
N ASP A 101 -6.35 22.09 6.51
CA ASP A 101 -5.68 21.09 7.38
C ASP A 101 -5.54 19.77 6.65
N THR A 102 -6.34 19.58 5.61
CA THR A 102 -6.37 18.29 4.86
C THR A 102 -5.50 18.32 3.62
N VAL A 103 -5.56 19.44 2.86
CA VAL A 103 -4.75 19.62 1.65
C VAL A 103 -4.29 21.05 1.54
N PRO A 104 -3.12 21.28 0.92
CA PRO A 104 -2.78 22.68 0.65
C PRO A 104 -3.75 23.24 -0.38
N ILE A 105 -3.93 24.57 -0.36
CA ILE A 105 -4.80 25.20 -1.35
C ILE A 105 -3.97 25.49 -2.61
N PRO A 106 -4.30 24.84 -3.74
CA PRO A 106 -3.49 24.97 -4.97
C PRO A 106 -3.82 26.26 -5.67
N LYS A 107 -2.89 26.74 -6.47
CA LYS A 107 -3.17 27.93 -7.28
C LYS A 107 -3.98 27.57 -8.54
N SER A 108 -3.98 26.30 -8.92
CA SER A 108 -4.65 25.86 -10.13
C SER A 108 -6.05 25.30 -9.80
N GLY A 109 -6.55 25.64 -8.61
CA GLY A 109 -7.90 25.29 -8.18
C GLY A 109 -8.22 23.80 -8.11
N GLN A 110 -7.20 22.94 -8.20
CA GLN A 110 -7.40 21.50 -8.05
C GLN A 110 -6.21 20.81 -7.40
N SER A 111 -6.40 20.25 -6.21
CA SER A 111 -5.25 19.62 -5.56
C SER A 111 -5.00 18.22 -6.05
N GLN A 112 -3.72 17.94 -6.30
CA GLN A 112 -3.26 16.62 -6.65
C GLN A 112 -2.96 15.82 -5.37
N LEU A 113 -3.04 16.47 -4.19
CA LEU A 113 -2.45 15.89 -2.94
C LEU A 113 -3.51 15.47 -1.89
N GLY A 114 -4.75 15.42 -2.29
CA GLY A 114 -5.84 14.89 -1.44
C GLY A 114 -7.13 15.52 -1.88
N ARG A 115 -8.21 15.18 -1.17
CA ARG A 115 -9.55 15.65 -1.55
C ARG A 115 -10.33 15.82 -0.25
N TRP A 116 -10.70 17.05 0.02
CA TRP A 116 -11.43 17.36 1.24
C TRP A 116 -12.89 17.42 1.02
N MET A 117 -13.66 17.06 2.03
CA MET A 117 -15.13 17.24 2.03
C MET A 117 -15.53 17.86 3.36
N SER A 118 -16.42 18.86 3.33
CA SER A 118 -16.85 19.47 4.57
C SER A 118 -17.70 18.50 5.37
N GLU A 119 -17.77 18.73 6.68
CA GLU A 119 -18.64 17.96 7.55
C GLU A 119 -20.08 17.97 7.07
N GLU A 120 -20.54 19.15 6.65
CA GLU A 120 -21.91 19.32 6.21
C GLU A 120 -22.22 18.49 4.98
N ASP A 121 -21.32 18.53 4.00
CA ASP A 121 -21.52 17.81 2.75
C ASP A 121 -21.47 16.30 3.04
N PHE A 122 -20.57 15.91 3.96
CA PHE A 122 -20.46 14.48 4.23
C PHE A 122 -21.71 13.94 4.97
N GLU A 123 -22.20 14.74 5.90
CA GLU A 123 -23.44 14.34 6.61
C GLU A 123 -24.57 14.09 5.61
N LYS A 124 -24.74 15.00 4.65
CA LYS A 124 -25.74 14.78 3.62
C LYS A 124 -25.48 13.51 2.78
N ALA A 125 -24.22 13.36 2.36
CA ALA A 125 -23.84 12.16 1.59
C ALA A 125 -24.15 10.85 2.37
N PHE A 126 -23.84 10.85 3.66
CA PHE A 126 -24.04 9.68 4.52
C PHE A 126 -25.50 9.32 4.64
N ASN A 127 -26.33 10.34 4.90
CA ASN A 127 -27.78 10.14 5.02
C ASN A 127 -28.44 9.68 3.73
N ALA A 128 -27.82 10.01 2.58
CA ALA A 128 -28.28 9.59 1.28
C ALA A 128 -27.89 8.17 0.89
N ARG A 129 -27.05 7.52 1.73
CA ARG A 129 -26.48 6.20 1.45
C ARG A 129 -26.77 5.11 2.48
N PHE A 130 -26.42 5.35 3.73
CA PHE A 130 -26.40 4.29 4.74
C PHE A 130 -27.75 3.81 5.33
N PRO A 131 -28.74 4.70 5.55
CA PRO A 131 -30.03 4.24 6.09
C PRO A 131 -30.55 3.03 5.31
N GLY A 132 -30.68 1.89 6.00
CA GLY A 132 -31.24 0.66 5.45
C GLY A 132 -30.38 -0.07 4.45
N CYS A 133 -29.10 0.33 4.31
CA CYS A 133 -28.28 -0.16 3.18
C CYS A 133 -27.94 -1.68 3.27
N MET A 134 -28.08 -2.27 4.46
CA MET A 134 -27.76 -3.70 4.62
C MET A 134 -29.01 -4.58 4.70
N LYS A 135 -30.16 -4.07 4.30
CA LYS A 135 -31.39 -4.88 4.41
C LYS A 135 -31.24 -6.22 3.68
N GLY A 136 -31.62 -7.29 4.37
CA GLY A 136 -31.61 -8.60 3.77
C GLY A 136 -30.23 -9.27 3.83
N ARG A 137 -29.24 -8.56 4.36
CA ARG A 137 -27.86 -9.07 4.38
C ARG A 137 -27.33 -9.28 5.79
N THR A 138 -26.19 -9.98 5.84
CA THR A 138 -25.51 -10.14 7.12
C THR A 138 -24.52 -9.01 7.33
N MET A 139 -24.58 -8.40 8.51
CA MET A 139 -23.52 -7.47 8.95
C MET A 139 -22.47 -8.31 9.67
N TYR A 140 -21.28 -8.41 9.08
CA TYR A 140 -20.14 -9.10 9.75
C TYR A 140 -19.38 -8.08 10.56
N VAL A 141 -18.97 -8.50 11.76
CA VAL A 141 -18.22 -7.65 12.66
C VAL A 141 -16.81 -8.24 12.71
N ILE A 142 -15.86 -7.47 12.18
CA ILE A 142 -14.48 -7.95 12.02
C ILE A 142 -13.58 -7.21 13.00
N PRO A 143 -13.14 -7.87 14.11
CA PRO A 143 -12.21 -7.22 15.03
C PRO A 143 -10.81 -7.51 14.52
N PHE A 144 -10.02 -6.46 14.21
CA PHE A 144 -8.73 -6.66 13.59
C PHE A 144 -7.65 -5.82 14.25
N SER A 145 -6.43 -6.37 14.23
CA SER A 145 -5.23 -5.65 14.62
C SER A 145 -4.38 -5.33 13.39
N MET A 146 -4.00 -4.07 13.30
CA MET A 146 -2.96 -3.63 12.37
C MET A 146 -1.66 -3.69 13.11
N GLY A 147 -0.87 -4.73 12.80
CA GLY A 147 0.43 -4.96 13.44
C GLY A 147 0.28 -6.17 14.31
N PRO A 148 1.42 -6.74 14.73
CA PRO A 148 1.43 -7.92 15.58
C PRO A 148 0.53 -7.73 16.81
N LEU A 149 -0.27 -8.76 17.12
CA LEU A 149 -1.27 -8.61 18.13
C LEU A 149 -0.60 -8.26 19.44
N GLY A 150 -1.02 -7.16 20.05
CA GLY A 150 -0.45 -6.74 21.36
C GLY A 150 0.83 -5.91 21.31
N SER A 151 1.40 -5.73 20.11
CA SER A 151 2.57 -4.87 19.91
C SER A 151 2.27 -3.43 20.37
N PRO A 152 3.25 -2.76 21.01
CA PRO A 152 3.01 -1.37 21.41
C PRO A 152 2.81 -0.46 20.18
N LEU A 153 3.25 -0.91 19.01
CA LEU A 153 3.06 -0.10 17.77
C LEU A 153 1.79 -0.51 17.03
N ALA A 154 1.18 -1.62 17.39
CA ALA A 154 -0.11 -2.02 16.78
C ALA A 154 -1.31 -1.11 17.14
N LYS A 155 -2.31 -1.09 16.24
CA LYS A 155 -3.57 -0.41 16.50
C LYS A 155 -4.74 -1.29 16.06
N ILE A 156 -5.81 -1.29 16.85
CA ILE A 156 -6.98 -2.17 16.60
C ILE A 156 -8.09 -1.37 15.94
N GLY A 157 -8.79 -2.04 15.02
CA GLY A 157 -10.04 -1.52 14.47
C GLY A 157 -11.16 -2.53 14.57
N ILE A 158 -12.37 -2.06 14.33
CA ILE A 158 -13.51 -2.96 14.16
C ILE A 158 -14.07 -2.56 12.81
N GLU A 159 -14.15 -3.49 11.85
CA GLU A 159 -14.84 -3.21 10.58
C GLU A 159 -16.20 -3.91 10.54
N LEU A 160 -17.24 -3.14 10.27
CA LEU A 160 -18.54 -3.70 10.01
C LEU A 160 -18.67 -3.72 8.49
N THR A 161 -19.09 -4.86 7.94
CA THR A 161 -19.25 -4.96 6.47
C THR A 161 -20.37 -5.93 6.15
N ASP A 162 -20.97 -5.73 4.99
CA ASP A 162 -21.98 -6.67 4.48
C ASP A 162 -21.40 -7.60 3.41
N SER A 163 -20.06 -7.59 3.29
CA SER A 163 -19.41 -8.39 2.24
C SER A 163 -18.60 -9.57 2.81
N PRO A 164 -19.01 -10.80 2.46
CA PRO A 164 -18.19 -11.96 2.82
C PRO A 164 -16.82 -11.89 2.19
N TYR A 165 -16.70 -11.32 0.97
CA TYR A 165 -15.41 -11.19 0.29
C TYR A 165 -14.45 -10.35 1.19
N VAL A 166 -14.97 -9.28 1.78
CA VAL A 166 -14.19 -8.43 2.63
C VAL A 166 -13.75 -9.21 3.89
N VAL A 167 -14.66 -10.03 4.43
CA VAL A 167 -14.35 -10.77 5.64
C VAL A 167 -13.16 -11.70 5.31
N ALA A 168 -13.25 -12.47 4.22
CA ALA A 168 -12.20 -13.41 3.85
C ALA A 168 -10.87 -12.71 3.62
N SER A 169 -10.92 -11.60 2.88
CA SER A 169 -9.72 -10.89 2.57
C SER A 169 -9.10 -10.21 3.79
N MET A 170 -9.93 -9.72 4.72
CA MET A 170 -9.42 -9.13 5.98
C MET A 170 -8.74 -10.19 6.82
N ARG A 171 -9.23 -11.44 6.70
CA ARG A 171 -8.62 -12.50 7.51
C ARG A 171 -7.19 -12.73 7.05
N ILE A 172 -6.93 -12.56 5.77
CA ILE A 172 -5.57 -12.67 5.23
C ILE A 172 -4.78 -11.42 5.53
N MET A 173 -5.37 -10.25 5.31
CA MET A 173 -4.60 -9.00 5.28
C MET A 173 -4.41 -8.34 6.64
N THR A 174 -5.17 -8.80 7.66
CA THR A 174 -4.99 -8.30 9.01
C THR A 174 -4.95 -9.51 9.93
N ARG A 175 -4.70 -9.27 11.22
CA ARG A 175 -4.99 -10.29 12.24
C ARG A 175 -6.39 -10.07 12.72
N MET A 176 -7.26 -11.06 12.58
CA MET A 176 -8.63 -10.79 13.01
C MET A 176 -9.26 -11.96 13.74
N GLY A 177 -10.20 -11.62 14.60
CA GLY A 177 -10.99 -12.63 15.26
C GLY A 177 -10.99 -12.44 16.75
N THR A 178 -11.33 -13.51 17.46
CA THR A 178 -11.62 -13.37 18.89
C THR A 178 -10.41 -12.89 19.72
N SER A 179 -9.22 -13.39 19.39
CA SER A 179 -8.02 -12.91 20.10
C SER A 179 -7.83 -11.37 20.05
N VAL A 180 -8.30 -10.73 18.96
CA VAL A 180 -8.22 -9.27 18.87
C VAL A 180 -9.17 -8.62 19.84
N LEU A 181 -10.39 -9.15 19.95
CA LEU A 181 -11.37 -8.61 20.89
C LEU A 181 -10.83 -8.75 22.31
N GLU A 182 -10.20 -9.89 22.58
CA GLU A 182 -9.63 -10.09 23.92
C GLU A 182 -8.48 -9.12 24.23
N ALA A 183 -7.58 -8.94 23.27
CA ALA A 183 -6.53 -7.93 23.37
C ALA A 183 -7.06 -6.51 23.55
N LEU A 184 -8.10 -6.13 22.78
CA LEU A 184 -8.67 -4.80 22.85
C LEU A 184 -9.22 -4.40 24.23
N GLY A 185 -9.98 -5.32 24.83
CA GLY A 185 -10.63 -5.00 26.11
C GLY A 185 -11.40 -3.71 25.98
N ASP A 186 -11.26 -2.78 26.92
CA ASP A 186 -12.00 -1.54 26.84
C ASP A 186 -11.21 -0.39 26.20
N GLY A 187 -10.19 -0.74 25.42
CA GLY A 187 -9.38 0.26 24.76
C GLY A 187 -10.03 0.90 23.54
N GLU A 188 -9.32 1.88 22.99
CA GLU A 188 -9.81 2.61 21.84
C GLU A 188 -9.62 1.77 20.57
N PHE A 189 -10.50 1.98 19.60
CA PHE A 189 -10.35 1.30 18.32
C PHE A 189 -10.80 2.24 17.20
N ILE A 190 -10.24 2.03 16.01
CA ILE A 190 -10.70 2.80 14.83
CA ILE A 190 -10.71 2.80 14.84
C ILE A 190 -12.04 2.20 14.37
N LYS A 191 -13.04 3.06 14.18
CA LYS A 191 -14.38 2.63 13.76
CA LYS A 191 -14.39 2.64 13.78
C LYS A 191 -14.44 2.57 12.25
N CYS A 192 -14.62 1.36 11.71
CA CYS A 192 -14.63 1.20 10.24
C CYS A 192 -16.00 0.66 9.81
N LEU A 193 -16.70 1.41 8.94
CA LEU A 193 -18.05 1.01 8.50
C LEU A 193 -18.03 0.86 7.00
N HIS A 194 -18.46 -0.28 6.49
CA HIS A 194 -18.45 -0.54 5.05
C HIS A 194 -19.75 -1.15 4.62
N SER A 195 -20.30 -0.74 3.48
CA SER A 195 -21.39 -1.44 2.81
C SER A 195 -21.23 -1.42 1.30
N VAL A 196 -21.56 -2.53 0.66
CA VAL A 196 -21.55 -2.59 -0.80
C VAL A 196 -22.69 -1.72 -1.35
N GLY A 197 -23.60 -1.25 -0.50
CA GLY A 197 -24.60 -0.27 -0.99
C GLY A 197 -25.69 -0.88 -1.87
N CYS A 198 -25.99 -2.16 -1.64
CA CYS A 198 -26.99 -2.87 -2.46
C CYS A 198 -27.99 -3.61 -1.55
N PRO A 199 -28.78 -2.86 -0.79
CA PRO A 199 -29.82 -3.51 0.04
C PRO A 199 -30.77 -4.40 -0.78
N LEU A 200 -31.25 -5.49 -0.18
CA LEU A 200 -32.24 -6.42 -0.80
C LEU A 200 -33.64 -5.90 -0.47
N PRO A 201 -34.61 -5.99 -1.43
CA PRO A 201 -34.45 -6.50 -2.79
C PRO A 201 -33.68 -5.52 -3.68
N LEU A 202 -32.85 -6.08 -4.57
CA LEU A 202 -31.96 -5.28 -5.42
C LEU A 202 -32.75 -4.30 -6.24
N LYS A 203 -32.36 -3.03 -6.18
CA LYS A 203 -32.96 -1.98 -7.03
C LYS A 203 -32.43 -2.01 -8.45
N LYS A 204 -31.21 -2.52 -8.64
CA LYS A 204 -30.56 -2.56 -9.96
C LYS A 204 -29.98 -3.94 -10.20
N PRO A 205 -29.81 -4.34 -11.48
CA PRO A 205 -29.35 -5.71 -11.64
C PRO A 205 -27.91 -5.94 -11.12
N LEU A 206 -27.66 -7.13 -10.66
CA LEU A 206 -26.36 -7.51 -10.17
C LEU A 206 -25.53 -7.90 -11.38
N VAL A 207 -24.29 -7.41 -11.44
CA VAL A 207 -23.40 -7.71 -12.56
C VAL A 207 -22.28 -8.62 -12.06
N ASN A 208 -22.08 -9.74 -12.73
CA ASN A 208 -21.07 -10.74 -12.36
C ASN A 208 -21.12 -11.16 -10.92
N ASN A 209 -22.34 -11.27 -10.37
CA ASN A 209 -22.55 -11.66 -8.98
C ASN A 209 -21.71 -10.83 -8.01
N TRP A 210 -21.50 -9.55 -8.34
CA TRP A 210 -20.60 -8.64 -7.58
C TRP A 210 -21.37 -7.41 -7.13
N ALA A 211 -21.81 -7.39 -5.89
CA ALA A 211 -22.56 -6.22 -5.35
C ALA A 211 -21.70 -4.98 -5.24
N CYS A 212 -22.16 -3.89 -5.85
CA CYS A 212 -21.51 -2.60 -5.72
C CYS A 212 -22.52 -1.54 -6.17
N ASN A 213 -22.21 -0.29 -5.83
CA ASN A 213 -23.05 0.85 -6.22
C ASN A 213 -22.08 1.94 -6.68
N PRO A 214 -21.69 1.87 -7.98
CA PRO A 214 -20.68 2.78 -8.48
C PRO A 214 -21.08 4.25 -8.36
N GLU A 215 -22.35 4.56 -8.64
CA GLU A 215 -22.80 5.94 -8.63
C GLU A 215 -22.71 6.60 -7.27
N LEU A 216 -22.91 5.80 -6.21
CA LEU A 216 -22.87 6.33 -4.84
C LEU A 216 -21.57 5.98 -4.09
N THR A 217 -20.59 5.45 -4.82
CA THR A 217 -19.31 5.08 -4.15
C THR A 217 -18.65 6.28 -3.49
N LEU A 218 -18.21 6.12 -2.24
CA LEU A 218 -17.66 7.23 -1.46
C LEU A 218 -16.86 6.61 -0.32
N ILE A 219 -15.57 6.91 -0.28
CA ILE A 219 -14.70 6.30 0.76
C ILE A 219 -14.26 7.49 1.60
N ALA A 220 -14.80 7.59 2.83
CA ALA A 220 -14.61 8.80 3.66
C ALA A 220 -13.79 8.53 4.89
N HIS A 221 -13.02 9.53 5.31
CA HIS A 221 -12.14 9.41 6.50
C HIS A 221 -12.46 10.58 7.38
N LEU A 222 -12.70 10.34 8.66
CA LEU A 222 -13.08 11.39 9.61
C LEU A 222 -12.08 11.25 10.75
N PRO A 223 -10.87 11.81 10.56
CA PRO A 223 -9.80 11.55 11.51
C PRO A 223 -10.16 12.08 12.91
N ASP A 224 -10.88 13.21 12.99
CA ASP A 224 -11.26 13.82 14.28
C ASP A 224 -12.20 12.90 15.07
N ARG A 225 -12.98 12.09 14.38
CA ARG A 225 -13.92 11.13 15.03
C ARG A 225 -13.38 9.68 15.08
N ARG A 226 -12.16 9.48 14.58
CA ARG A 226 -11.57 8.15 14.48
CA ARG A 226 -11.54 8.17 14.44
C ARG A 226 -12.48 7.20 13.70
N GLU A 227 -13.07 7.69 12.59
CA GLU A 227 -13.99 6.89 11.79
C GLU A 227 -13.54 6.82 10.34
N ILE A 228 -13.77 5.64 9.75
CA ILE A 228 -13.65 5.44 8.29
C ILE A 228 -14.98 4.90 7.85
N ILE A 229 -15.56 5.53 6.82
CA ILE A 229 -16.91 5.17 6.39
C ILE A 229 -16.91 5.02 4.89
N SER A 230 -17.16 3.80 4.42
CA SER A 230 -16.99 3.51 3.01
C SER A 230 -18.19 2.82 2.40
N PHE A 231 -18.68 3.32 1.25
CA PHE A 231 -19.96 2.86 0.67
C PHE A 231 -19.79 2.64 -0.82
N GLY A 232 -20.33 1.53 -1.28
CA GLY A 232 -20.56 1.34 -2.72
C GLY A 232 -19.54 0.51 -3.47
N SER A 233 -18.37 0.32 -2.88
CA SER A 233 -17.32 -0.42 -3.55
C SER A 233 -16.97 -1.66 -2.75
N GLY A 234 -16.90 -2.81 -3.41
CA GLY A 234 -16.47 -3.99 -2.68
C GLY A 234 -15.00 -4.29 -2.87
N TYR A 235 -14.29 -3.40 -3.58
CA TYR A 235 -12.97 -3.67 -4.04
CA TYR A 235 -12.91 -3.65 -4.06
C TYR A 235 -11.85 -3.19 -3.10
N GLY A 236 -10.88 -4.08 -2.89
CA GLY A 236 -9.57 -3.75 -2.39
C GLY A 236 -9.42 -2.60 -1.43
N GLY A 237 -8.69 -1.58 -1.87
CA GLY A 237 -8.44 -0.45 -1.01
C GLY A 237 -9.68 0.35 -0.64
N ASN A 238 -10.82 0.07 -1.28
CA ASN A 238 -12.05 0.75 -0.88
C ASN A 238 -12.82 0.02 0.23
N SER A 239 -12.55 -1.26 0.42
CA SER A 239 -13.43 -2.12 1.24
C SER A 239 -12.62 -2.77 2.36
N LEU A 240 -11.34 -3.01 2.13
CA LEU A 240 -10.51 -3.59 3.20
C LEU A 240 -9.98 -2.39 3.93
N LEU A 241 -10.73 -1.96 4.95
CA LEU A 241 -10.48 -0.65 5.57
C LEU A 241 -9.18 -0.47 6.35
N GLY A 242 -8.55 -1.60 6.69
CA GLY A 242 -7.36 -1.55 7.51
C GLY A 242 -6.17 -1.03 6.73
N LYS A 243 -6.21 -1.24 5.42
CA LYS A 243 -5.02 -1.06 4.59
C LYS A 243 -4.72 0.39 4.25
N LYS A 244 -5.39 0.93 3.24
CA LYS A 244 -5.05 2.28 2.90
C LYS A 244 -5.75 3.31 3.81
N CYS A 245 -7.04 3.05 4.06
CA CYS A 245 -7.85 4.01 4.82
C CYS A 245 -7.33 4.22 6.20
N PHE A 246 -7.11 3.10 6.91
CA PHE A 246 -6.59 3.13 8.28
C PHE A 246 -5.05 3.26 8.27
N ALA A 247 -4.37 2.31 7.68
CA ALA A 247 -2.93 2.28 7.94
C ALA A 247 -2.13 3.36 7.20
N LEU A 248 -2.70 4.02 6.19
CA LEU A 248 -2.04 5.24 5.65
C LEU A 248 -2.78 6.54 6.00
N ARG A 249 -4.06 6.63 5.67
CA ARG A 249 -4.68 7.93 5.78
C ARG A 249 -4.94 8.33 7.22
N ILE A 250 -5.71 7.52 7.96
CA ILE A 250 -5.89 7.80 9.39
C ILE A 250 -4.56 7.76 10.19
N ALA A 251 -3.77 6.71 9.96
CA ALA A 251 -2.51 6.53 10.70
C ALA A 251 -1.50 7.65 10.43
N SER A 252 -1.44 8.20 9.20
CA SER A 252 -0.46 9.26 8.97
C SER A 252 -0.81 10.51 9.83
N ARG A 253 -2.11 10.77 10.00
CA ARG A 253 -2.43 11.93 10.82
C ARG A 253 -2.18 11.68 12.31
N LEU A 254 -2.51 10.48 12.75
CA LEU A 254 -2.15 10.04 14.12
C LEU A 254 -0.66 10.15 14.35
N ALA A 255 0.10 9.65 13.38
CA ALA A 255 1.57 9.71 13.42
C ALA A 255 2.11 11.11 13.55
N LYS A 256 1.49 12.04 12.84
CA LYS A 256 1.93 13.42 12.89
C LYS A 256 1.67 13.98 14.29
N GLU A 257 0.52 13.65 14.86
CA GLU A 257 0.24 14.16 16.21
C GLU A 257 1.11 13.54 17.28
N GLU A 258 1.53 12.30 17.08
CA GLU A 258 2.18 11.51 18.14
C GLU A 258 3.68 11.29 17.94
N GLY A 259 4.23 11.80 16.85
CA GLY A 259 5.68 11.79 16.67
C GLY A 259 6.24 10.62 15.86
N TRP A 260 5.40 9.89 15.13
CA TRP A 260 5.92 8.72 14.37
C TRP A 260 5.60 8.87 12.90
N LEU A 261 5.68 7.79 12.13
CA LEU A 261 5.50 7.87 10.65
C LEU A 261 4.70 6.70 10.13
N ALA A 262 3.73 6.98 9.25
CA ALA A 262 2.96 5.93 8.62
C ALA A 262 3.12 6.15 7.14
N GLU A 263 3.68 5.15 6.47
CA GLU A 263 4.24 5.35 5.13
C GLU A 263 3.95 4.21 4.16
N HIS A 264 3.93 4.55 2.87
CA HIS A 264 3.72 3.58 1.76
C HIS A 264 5.03 3.00 1.38
N MET A 265 5.54 2.18 2.31
CA MET A 265 6.91 1.60 2.20
C MET A 265 6.95 0.09 2.43
N LEU A 266 7.71 -0.60 1.57
CA LEU A 266 8.16 -1.97 1.88
C LEU A 266 9.21 -1.88 2.97
N ILE A 267 9.35 -2.99 3.70
CA ILE A 267 10.43 -3.15 4.69
C ILE A 267 11.10 -4.47 4.38
N LEU A 268 12.45 -4.45 4.23
CA LEU A 268 13.16 -5.71 3.94
C LEU A 268 14.38 -5.83 4.86
N GLY A 269 14.81 -7.07 5.04
CA GLY A 269 16.08 -7.35 5.73
C GLY A 269 17.08 -7.87 4.72
N ILE A 270 18.27 -7.29 4.71
CA ILE A 270 19.25 -7.76 3.77
C ILE A 270 20.50 -8.22 4.53
N THR A 271 20.96 -9.39 4.15
CA THR A 271 22.14 -9.99 4.81
C THR A 271 23.24 -10.12 3.78
N ASN A 272 24.44 -9.62 4.13
CA ASN A 272 25.59 -9.74 3.24
C ASN A 272 26.32 -11.11 3.39
N PRO A 273 27.32 -11.38 2.54
CA PRO A 273 28.02 -12.67 2.62
C PRO A 273 28.74 -12.88 3.96
N GLU A 274 28.95 -11.81 4.71
CA GLU A 274 29.60 -11.88 6.02
CA GLU A 274 29.61 -11.95 6.00
C GLU A 274 28.61 -12.20 7.12
N GLY A 275 27.32 -12.34 6.78
CA GLY A 275 26.29 -12.57 7.79
C GLY A 275 25.76 -11.34 8.52
N LYS A 276 26.16 -10.15 8.08
CA LYS A 276 25.73 -8.90 8.72
CA LYS A 276 25.74 -8.90 8.71
C LYS A 276 24.40 -8.53 8.08
N LYS A 277 23.43 -8.20 8.91
CA LYS A 277 22.07 -7.90 8.47
C LYS A 277 21.65 -6.47 8.76
N LYS A 278 21.00 -5.84 7.79
CA LYS A 278 20.40 -4.54 8.03
C LYS A 278 18.99 -4.51 7.46
N TYR A 279 18.17 -3.66 8.03
CA TYR A 279 16.82 -3.44 7.46
C TYR A 279 16.72 -2.10 6.74
N LEU A 280 16.02 -2.14 5.60
CA LEU A 280 15.82 -0.96 4.75
C LEU A 280 14.33 -0.76 4.53
N ALA A 281 13.88 0.49 4.38
CA ALA A 281 12.46 0.74 4.01
C ALA A 281 12.49 1.46 2.67
N ALA A 282 11.51 1.19 1.81
CA ALA A 282 11.53 1.87 0.49
C ALA A 282 10.15 2.30 0.10
N ALA A 283 10.05 3.55 -0.35
CA ALA A 283 8.78 4.06 -0.86
C ALA A 283 8.88 4.24 -2.35
N PHE A 284 8.13 3.40 -3.08
CA PHE A 284 7.94 3.62 -4.52
C PHE A 284 6.45 3.75 -4.76
N PRO A 285 6.07 4.53 -5.78
CA PRO A 285 4.65 4.66 -5.97
C PRO A 285 3.99 3.34 -6.39
N SER A 286 2.67 3.26 -6.28
CA SER A 286 2.01 2.09 -6.87
C SER A 286 2.52 1.91 -8.31
N ALA A 287 2.62 0.63 -8.73
CA ALA A 287 3.05 0.29 -10.08
C ALA A 287 4.55 0.53 -10.37
N CYS A 288 5.34 0.72 -9.29
CA CYS A 288 6.76 1.01 -9.48
C CYS A 288 7.68 0.00 -8.80
N GLY A 289 7.11 -1.11 -8.35
CA GLY A 289 7.90 -2.28 -7.91
C GLY A 289 8.26 -2.52 -6.48
N LYS A 290 7.52 -1.97 -5.51
CA LYS A 290 7.75 -2.35 -4.11
C LYS A 290 7.73 -3.84 -3.96
N THR A 291 6.67 -4.50 -4.45
CA THR A 291 6.54 -5.90 -4.08
C THR A 291 7.69 -6.76 -4.64
N ASN A 292 8.20 -6.40 -5.81
CA ASN A 292 9.37 -7.10 -6.43
C ASN A 292 10.60 -6.92 -5.58
N LEU A 293 10.84 -5.72 -5.05
CA LEU A 293 12.04 -5.52 -4.25
C LEU A 293 11.90 -6.19 -2.90
N ALA A 294 10.71 -6.05 -2.25
CA ALA A 294 10.48 -6.62 -0.90
C ALA A 294 10.73 -8.14 -0.86
N MET A 295 10.55 -8.77 -2.00
CA MET A 295 10.59 -10.24 -2.14
C MET A 295 11.74 -10.72 -2.99
N MET A 296 12.68 -9.83 -3.24
CA MET A 296 13.76 -10.09 -4.19
C MET A 296 14.50 -11.38 -3.95
N ASN A 297 14.73 -12.08 -5.03
CA ASN A 297 15.71 -13.14 -5.09
C ASN A 297 17.02 -12.54 -5.62
N PRO A 298 17.98 -12.27 -4.71
CA PRO A 298 19.16 -11.56 -5.15
C PRO A 298 20.01 -12.44 -6.06
N THR A 299 20.52 -11.86 -7.15
CA THR A 299 21.41 -12.59 -8.08
CA THR A 299 21.38 -12.57 -8.08
C THR A 299 22.81 -12.72 -7.54
N LEU A 300 23.24 -11.79 -6.67
CA LEU A 300 24.61 -11.81 -6.14
C LEU A 300 24.85 -12.95 -5.14
N PRO A 301 25.88 -13.79 -5.38
CA PRO A 301 26.04 -14.92 -4.46
C PRO A 301 26.30 -14.50 -3.03
N GLY A 302 25.77 -15.25 -2.08
CA GLY A 302 26.05 -14.98 -0.68
C GLY A 302 25.16 -13.94 -0.04
N TRP A 303 24.37 -13.21 -0.84
CA TRP A 303 23.39 -12.25 -0.30
C TRP A 303 22.02 -12.85 -0.05
N LYS A 304 21.29 -12.30 0.91
CA LYS A 304 19.95 -12.77 1.21
C LYS A 304 19.03 -11.57 1.40
N VAL A 305 17.80 -11.65 0.87
CA VAL A 305 16.80 -10.62 1.13
C VAL A 305 15.63 -11.36 1.81
N GLU A 306 15.12 -10.78 2.89
CA GLU A 306 13.96 -11.32 3.54
C GLU A 306 12.93 -10.18 3.64
N CYS A 307 11.65 -10.57 3.57
CA CYS A 307 10.55 -9.57 3.50
C CYS A 307 9.92 -9.39 4.87
N VAL A 308 9.90 -8.14 5.36
CA VAL A 308 9.08 -7.80 6.53
C VAL A 308 7.66 -7.41 6.09
N GLY A 309 7.59 -6.54 5.08
CA GLY A 309 6.29 -6.14 4.52
C GLY A 309 6.52 -5.60 3.13
N ASP A 310 5.46 -5.53 2.30
CA ASP A 310 5.68 -5.08 0.94
C ASP A 310 4.93 -3.81 0.60
N ASP A 311 4.30 -3.19 1.58
CA ASP A 311 3.41 -2.07 1.17
C ASP A 311 3.28 -0.92 2.17
N ILE A 312 3.18 -1.23 3.44
CA ILE A 312 2.99 -0.19 4.46
CA ILE A 312 2.92 -0.24 4.50
C ILE A 312 3.97 -0.40 5.59
N ALA A 313 4.55 0.70 6.06
CA ALA A 313 5.46 0.67 7.21
C ALA A 313 4.95 1.68 8.27
N TRP A 314 4.93 1.28 9.55
CA TRP A 314 4.74 2.22 10.66
C TRP A 314 6.05 2.26 11.39
N MET A 315 6.58 3.46 11.56
CA MET A 315 7.93 3.61 12.09
C MET A 315 7.97 4.64 13.20
N LYS A 316 8.66 4.30 14.28
CA LYS A 316 8.70 5.16 15.47
C LYS A 316 10.08 5.00 16.12
N PHE A 317 10.68 6.13 16.51
CA PHE A 317 12.01 6.06 17.13
C PHE A 317 11.87 5.45 18.52
N ASP A 318 12.76 4.53 18.84
CA ASP A 318 12.74 3.93 20.18
C ASP A 318 13.64 4.73 21.13
N ALA A 319 13.70 4.27 22.38
CA ALA A 319 14.47 4.94 23.43
C ALA A 319 15.96 5.11 23.10
N GLN A 320 16.51 4.22 22.28
CA GLN A 320 17.94 4.24 21.91
C GLN A 320 18.13 5.06 20.64
N GLY A 321 17.04 5.59 20.11
CA GLY A 321 17.04 6.42 18.90
C GLY A 321 17.00 5.64 17.60
N ASN A 322 16.81 4.33 17.65
CA ASN A 322 16.64 3.56 16.41
C ASN A 322 15.24 3.78 15.85
N LEU A 323 15.16 3.96 14.53
CA LEU A 323 13.87 4.07 13.89
C LEU A 323 13.35 2.66 13.69
N ARG A 324 12.35 2.29 14.50
CA ARG A 324 11.83 0.91 14.48
C ARG A 324 10.64 0.87 13.57
N ALA A 325 10.60 -0.11 12.68
CA ALA A 325 9.45 -0.28 11.75
C ALA A 325 8.71 -1.57 12.00
N ILE A 326 7.37 -1.49 11.95
CA ILE A 326 6.57 -2.72 11.82
C ILE A 326 5.80 -2.70 10.52
N ASN A 327 5.52 -3.88 10.00
CA ASN A 327 4.51 -4.05 8.94
C ASN A 327 3.17 -4.18 9.63
N PRO A 328 2.22 -3.23 9.45
CA PRO A 328 0.92 -3.38 10.11
C PRO A 328 0.01 -4.40 9.39
N GLU A 329 0.43 -4.92 8.23
CA GLU A 329 -0.40 -5.90 7.49
C GLU A 329 -0.05 -7.33 7.88
N ASN A 330 -0.92 -8.25 7.50
CA ASN A 330 -0.75 -9.67 7.80
C ASN A 330 -0.58 -10.50 6.53
N GLY A 331 -0.62 -9.84 5.35
CA GLY A 331 -0.50 -10.52 4.08
C GLY A 331 -0.06 -9.55 3.00
N PHE A 332 -0.04 -10.07 1.79
CA PHE A 332 0.36 -9.26 0.63
C PHE A 332 -0.83 -9.20 -0.30
N PHE A 333 -1.23 -7.95 -0.59
CA PHE A 333 -2.33 -7.70 -1.55
C PHE A 333 -1.65 -7.18 -2.83
N GLY A 334 -1.05 -8.11 -3.60
CA GLY A 334 -0.09 -7.72 -4.62
C GLY A 334 -0.67 -7.70 -6.02
N VAL A 335 -0.15 -6.82 -6.86
CA VAL A 335 -0.54 -6.79 -8.29
C VAL A 335 -0.16 -8.12 -8.95
N ALA A 336 -1.11 -8.76 -9.62
CA ALA A 336 -0.83 -10.06 -10.26
C ALA A 336 -0.11 -9.90 -11.61
N PRO A 337 -0.63 -9.09 -12.54
CA PRO A 337 0.06 -8.98 -13.83
C PRO A 337 1.49 -8.49 -13.70
N GLY A 338 2.37 -9.08 -14.51
CA GLY A 338 3.82 -8.86 -14.41
C GLY A 338 4.54 -9.81 -13.47
N THR A 339 3.81 -10.51 -12.63
CA THR A 339 4.41 -11.41 -11.64
C THR A 339 4.81 -12.69 -12.33
N SER A 340 6.10 -12.98 -12.35
CA SER A 340 6.62 -14.20 -13.04
C SER A 340 7.77 -14.80 -12.29
N VAL A 341 8.24 -15.96 -12.75
CA VAL A 341 9.43 -16.55 -12.12
C VAL A 341 10.63 -15.60 -12.27
N LYS A 342 10.68 -14.87 -13.37
CA LYS A 342 11.77 -13.91 -13.59
C LYS A 342 11.65 -12.64 -12.75
N THR A 343 10.44 -12.14 -12.59
CA THR A 343 10.30 -10.85 -11.88
C THR A 343 10.04 -10.97 -10.38
N ASN A 344 9.50 -12.11 -9.92
CA ASN A 344 9.19 -12.29 -8.52
C ASN A 344 8.97 -13.75 -8.20
N PRO A 345 10.06 -14.55 -8.23
CA PRO A 345 9.93 -15.99 -8.00
C PRO A 345 9.38 -16.29 -6.62
N ASN A 346 9.69 -15.47 -5.62
CA ASN A 346 9.20 -15.75 -4.28
C ASN A 346 7.70 -15.52 -4.13
N ALA A 347 7.17 -14.58 -4.89
CA ALA A 347 5.71 -14.42 -4.90
C ALA A 347 5.01 -15.58 -5.59
N ILE A 348 5.61 -16.08 -6.67
CA ILE A 348 5.06 -17.28 -7.38
C ILE A 348 4.90 -18.44 -6.38
N LYS A 349 5.92 -18.66 -5.57
CA LYS A 349 5.88 -19.68 -4.51
C LYS A 349 4.78 -19.44 -3.48
N THR A 350 4.64 -18.20 -2.99
CA THR A 350 3.74 -17.84 -1.88
C THR A 350 2.28 -18.07 -2.28
N ILE A 351 1.95 -17.82 -3.56
CA ILE A 351 0.53 -17.66 -3.94
C ILE A 351 -0.13 -18.96 -4.42
N GLN A 352 0.58 -20.07 -4.30
CA GLN A 352 0.01 -21.31 -4.78
C GLN A 352 -0.86 -22.05 -3.78
N LYS A 353 -0.99 -21.51 -2.58
CA LYS A 353 -1.92 -22.02 -1.62
C LYS A 353 -2.59 -20.91 -0.78
N ASN A 354 -3.82 -21.19 -0.35
CA ASN A 354 -4.52 -20.30 0.60
C ASN A 354 -4.62 -18.84 0.12
N THR A 355 -4.72 -18.68 -1.19
CA THR A 355 -4.69 -17.35 -1.81
C THR A 355 -6.00 -17.03 -2.52
N ILE A 356 -6.44 -15.78 -2.36
CA ILE A 356 -7.61 -15.28 -3.11
C ILE A 356 -7.14 -14.36 -4.24
N PHE A 357 -7.57 -14.68 -5.46
CA PHE A 357 -7.21 -13.90 -6.64
C PHE A 357 -8.45 -13.11 -7.08
N THR A 358 -8.21 -11.87 -7.50
CA THR A 358 -9.30 -11.04 -7.98
C THR A 358 -8.98 -10.48 -9.35
N ASN A 359 -9.88 -10.77 -10.29
CA ASN A 359 -9.84 -10.22 -11.64
C ASN A 359 -8.69 -10.72 -12.51
N VAL A 360 -8.21 -11.91 -12.21
CA VAL A 360 -7.21 -12.55 -13.11
C VAL A 360 -7.94 -13.55 -14.02
N ALA A 361 -7.20 -14.04 -15.02
CA ALA A 361 -7.74 -15.09 -15.92
C ALA A 361 -7.63 -16.45 -15.30
N GLU A 362 -8.46 -17.40 -15.78
CA GLU A 362 -8.43 -18.77 -15.29
C GLU A 362 -8.11 -19.73 -16.47
N THR A 363 -7.20 -20.65 -16.25
CA THR A 363 -6.92 -21.67 -17.28
C THR A 363 -7.88 -22.85 -17.15
N SER A 364 -8.03 -23.63 -18.23
CA SER A 364 -9.04 -24.70 -18.24
C SER A 364 -8.75 -25.83 -17.26
N ASP A 365 -7.51 -25.94 -16.81
CA ASP A 365 -7.17 -26.86 -15.72
C ASP A 365 -7.26 -26.23 -14.31
N GLY A 366 -7.91 -25.08 -14.20
CA GLY A 366 -8.16 -24.49 -12.86
C GLY A 366 -6.99 -23.71 -12.29
N GLY A 367 -6.12 -23.22 -13.17
CA GLY A 367 -4.95 -22.38 -12.77
C GLY A 367 -5.21 -20.92 -13.02
N VAL A 368 -4.24 -20.06 -12.71
CA VAL A 368 -4.39 -18.61 -12.95
C VAL A 368 -3.51 -18.13 -14.10
N TYR A 369 -3.88 -17.02 -14.70
CA TYR A 369 -3.12 -16.48 -15.82
C TYR A 369 -3.26 -14.96 -15.85
N TRP A 370 -2.20 -14.30 -16.30
CA TRP A 370 -2.16 -12.86 -16.47
C TRP A 370 -1.07 -12.43 -17.43
N GLU A 371 -1.21 -11.24 -17.97
CA GLU A 371 -0.13 -10.59 -18.74
C GLU A 371 1.17 -10.64 -17.94
N GLY A 372 2.27 -10.96 -18.62
CA GLY A 372 3.57 -10.97 -17.99
C GLY A 372 3.83 -12.17 -17.09
N ILE A 373 2.93 -13.17 -17.09
CA ILE A 373 3.16 -14.38 -16.33
CA ILE A 373 3.17 -14.38 -16.30
C ILE A 373 4.35 -15.17 -16.88
N ASP A 374 4.61 -14.99 -18.17
CA ASP A 374 5.83 -15.54 -18.83
C ASP A 374 5.97 -17.04 -18.55
N GLU A 375 4.92 -17.78 -18.84
CA GLU A 375 4.82 -19.19 -18.54
C GLU A 375 3.92 -19.81 -19.62
N PRO A 376 4.52 -20.54 -20.58
CA PRO A 376 3.62 -21.02 -21.64
C PRO A 376 2.67 -22.12 -21.13
N LEU A 377 1.52 -22.23 -21.78
CA LEU A 377 0.58 -23.30 -21.44
C LEU A 377 0.73 -24.47 -22.41
N ALA A 378 0.53 -25.69 -21.90
CA ALA A 378 0.40 -26.89 -22.76
C ALA A 378 -0.59 -26.67 -23.90
N PRO A 379 -0.32 -27.28 -25.08
CA PRO A 379 -1.27 -27.17 -26.18
C PRO A 379 -2.62 -27.69 -25.70
N GLY A 380 -3.70 -27.03 -26.11
CA GLY A 380 -5.03 -27.47 -25.66
C GLY A 380 -5.55 -26.76 -24.43
N VAL A 381 -4.66 -26.25 -23.55
CA VAL A 381 -5.14 -25.53 -22.33
C VAL A 381 -5.64 -24.16 -22.77
N THR A 382 -6.89 -23.85 -22.44
CA THR A 382 -7.51 -22.59 -22.87
C THR A 382 -7.64 -21.64 -21.69
N ILE A 383 -8.04 -20.41 -21.97
CA ILE A 383 -8.00 -19.30 -20.99
C ILE A 383 -9.38 -18.63 -20.96
N THR A 384 -9.95 -18.47 -19.76
CA THR A 384 -11.11 -17.59 -19.59
C THR A 384 -10.62 -16.27 -19.02
N SER A 385 -10.99 -15.17 -19.64
CA SER A 385 -10.49 -13.87 -19.18
C SER A 385 -11.18 -13.47 -17.87
N TRP A 386 -10.71 -12.38 -17.24
CA TRP A 386 -11.32 -11.91 -16.02
C TRP A 386 -12.73 -11.35 -16.26
N LYS A 387 -13.11 -11.24 -17.54
CA LYS A 387 -14.47 -10.78 -17.91
C LYS A 387 -15.33 -11.99 -18.25
N ASN A 388 -14.83 -13.19 -17.89
CA ASN A 388 -15.54 -14.44 -18.05
C ASN A 388 -15.86 -14.78 -19.51
N LYS A 389 -14.96 -14.43 -20.42
CA LYS A 389 -15.11 -14.76 -21.85
C LYS A 389 -13.91 -15.57 -22.27
N GLU A 390 -14.10 -16.44 -23.26
CA GLU A 390 -12.94 -17.15 -23.80
C GLU A 390 -11.99 -16.13 -24.43
N TRP A 391 -10.69 -16.40 -24.31
CA TRP A 391 -9.65 -15.44 -24.66
C TRP A 391 -8.46 -16.10 -25.29
N ARG A 392 -7.93 -15.43 -26.32
CA ARG A 392 -6.67 -15.85 -26.95
C ARG A 392 -5.61 -14.75 -26.92
N PRO A 393 -4.34 -15.15 -26.83
CA PRO A 393 -3.22 -14.19 -26.75
C PRO A 393 -3.09 -13.13 -27.86
N GLN A 394 -3.81 -13.28 -28.97
CA GLN A 394 -3.78 -12.24 -30.03
C GLN A 394 -4.90 -11.19 -29.91
N ASP A 395 -5.83 -11.42 -29.00
CA ASP A 395 -6.96 -10.51 -28.75
C ASP A 395 -6.49 -9.13 -28.30
N GLU A 396 -7.32 -8.12 -28.54
CA GLU A 396 -6.95 -6.73 -28.26
C GLU A 396 -6.92 -6.40 -26.76
N GLU A 397 -7.69 -7.13 -25.96
CA GLU A 397 -7.86 -6.87 -24.52
C GLU A 397 -7.01 -7.79 -23.68
N PRO A 398 -6.56 -7.33 -22.49
CA PRO A 398 -5.81 -8.27 -21.68
C PRO A 398 -6.69 -9.34 -21.06
N CYS A 399 -6.05 -10.44 -20.68
CA CYS A 399 -6.77 -11.53 -20.07
C CYS A 399 -7.10 -11.25 -18.60
N ALA A 400 -6.31 -10.37 -17.99
CA ALA A 400 -6.49 -10.00 -16.58
C ALA A 400 -6.61 -8.49 -16.48
N HIS A 401 -7.36 -7.99 -15.51
CA HIS A 401 -7.39 -6.55 -15.32
C HIS A 401 -6.00 -6.05 -14.97
N PRO A 402 -5.57 -4.86 -15.45
CA PRO A 402 -4.18 -4.42 -15.16
C PRO A 402 -3.89 -4.21 -13.68
N ASN A 403 -4.91 -4.00 -12.88
CA ASN A 403 -4.81 -3.86 -11.39
C ASN A 403 -5.37 -5.06 -10.64
N SER A 404 -5.47 -6.22 -11.32
CA SER A 404 -5.88 -7.43 -10.64
C SER A 404 -4.85 -7.83 -9.58
N ARG A 405 -5.34 -8.54 -8.57
CA ARG A 405 -4.53 -8.80 -7.35
C ARG A 405 -4.61 -10.23 -6.86
N PHE A 406 -3.56 -10.60 -6.15
CA PHE A 406 -3.61 -11.72 -5.26
C PHE A 406 -3.65 -11.18 -3.86
N CYS A 407 -4.23 -11.99 -2.99
CA CYS A 407 -4.36 -11.68 -1.59
C CYS A 407 -3.89 -12.94 -0.86
N THR A 408 -2.69 -12.85 -0.27
CA THR A 408 -1.98 -14.07 0.20
C THR A 408 -1.37 -13.91 1.58
N PRO A 409 -1.39 -14.98 2.42
CA PRO A 409 -0.84 -14.85 3.78
C PRO A 409 0.67 -14.56 3.80
N ALA A 410 1.08 -13.59 4.63
CA ALA A 410 2.49 -13.25 4.71
C ALA A 410 3.32 -14.40 5.24
N SER A 411 2.75 -15.13 6.17
CA SER A 411 3.55 -16.17 6.86
C SER A 411 3.99 -17.28 5.89
N GLN A 412 3.36 -17.39 4.73
CA GLN A 412 3.69 -18.37 3.64
C GLN A 412 4.85 -18.01 2.74
N CYS A 413 5.23 -16.75 2.71
CA CYS A 413 6.33 -16.33 1.89
C CYS A 413 7.58 -17.07 2.36
N PRO A 414 8.26 -17.76 1.42
CA PRO A 414 9.41 -18.58 1.79
C PRO A 414 10.57 -17.72 2.30
N ILE A 415 10.59 -16.43 1.94
CA ILE A 415 11.59 -15.50 2.47
C ILE A 415 11.04 -14.47 3.47
N ILE A 416 9.93 -14.80 4.13
CA ILE A 416 9.39 -13.93 5.19
C ILE A 416 10.46 -13.75 6.27
N ASP A 417 10.64 -12.51 6.72
CA ASP A 417 11.70 -12.18 7.68
C ASP A 417 11.42 -12.79 9.03
N PRO A 418 12.46 -13.32 9.67
CA PRO A 418 12.18 -13.89 10.98
C PRO A 418 11.66 -12.91 11.99
N ALA A 419 11.93 -11.61 11.77
CA ALA A 419 11.41 -10.61 12.68
C ALA A 419 10.16 -9.88 12.14
N TRP A 420 9.51 -10.47 11.14
CA TRP A 420 8.37 -9.75 10.53
C TRP A 420 7.22 -9.51 11.50
N GLU A 421 7.13 -10.26 12.60
CA GLU A 421 6.11 -10.01 13.62
C GLU A 421 6.67 -9.58 14.97
N SER A 422 7.96 -9.27 15.05
CA SER A 422 8.56 -8.88 16.35
C SER A 422 7.87 -7.59 16.83
N PRO A 423 7.34 -7.52 18.08
CA PRO A 423 6.45 -6.41 18.48
C PRO A 423 7.13 -5.05 18.61
N GLU A 424 8.44 -5.03 18.81
CA GLU A 424 9.18 -3.76 18.91
C GLU A 424 9.58 -3.27 17.52
N GLY A 425 9.39 -4.09 16.49
CA GLY A 425 9.78 -3.69 15.13
C GLY A 425 11.28 -3.83 14.84
N VAL A 426 11.67 -3.56 13.59
CA VAL A 426 13.04 -3.77 13.11
C VAL A 426 13.71 -2.40 12.93
N PRO A 427 15.03 -2.31 13.17
CA PRO A 427 15.72 -1.02 13.15
C PRO A 427 16.04 -0.62 11.72
N ILE A 428 15.45 0.46 11.24
CA ILE A 428 15.72 0.87 9.87
C ILE A 428 17.01 1.67 9.74
N GLU A 429 17.87 1.24 8.85
CA GLU A 429 19.16 1.94 8.66
C GLU A 429 19.25 2.73 7.35
N GLY A 430 18.35 2.44 6.41
CA GLY A 430 18.29 3.24 5.16
C GLY A 430 16.86 3.33 4.69
N ILE A 431 16.54 4.47 4.09
CA ILE A 431 15.26 4.69 3.47
C ILE A 431 15.55 4.97 2.01
N ILE A 432 14.82 4.27 1.17
CA ILE A 432 14.99 4.37 -0.28
C ILE A 432 13.75 4.96 -0.91
N PHE A 433 13.95 5.99 -1.71
CA PHE A 433 12.90 6.55 -2.55
C PHE A 433 13.17 6.16 -3.98
N GLY A 434 12.12 6.13 -4.78
CA GLY A 434 12.32 5.71 -6.17
C GLY A 434 11.06 5.81 -6.95
N GLY A 435 11.21 5.94 -8.25
CA GLY A 435 10.04 6.05 -9.10
C GLY A 435 10.41 5.68 -10.50
N ARG A 436 9.53 6.06 -11.43
CA ARG A 436 9.77 5.77 -12.83
C ARG A 436 10.32 7.02 -13.48
N ARG A 437 11.61 7.02 -13.79
CA ARG A 437 12.21 8.15 -14.48
C ARG A 437 12.89 7.68 -15.78
N PRO A 438 12.17 7.75 -16.89
CA PRO A 438 12.78 7.23 -18.14
C PRO A 438 14.02 7.99 -18.60
N ALA A 439 14.14 9.26 -18.21
CA ALA A 439 15.28 10.07 -18.58
C ALA A 439 15.93 10.74 -17.35
N GLY A 440 17.22 11.01 -17.46
CA GLY A 440 17.96 11.95 -16.61
C GLY A 440 18.48 11.51 -15.24
N VAL A 441 17.77 10.61 -14.59
CA VAL A 441 18.03 10.24 -13.18
C VAL A 441 18.81 8.93 -13.17
N PRO A 442 20.00 8.95 -12.56
CA PRO A 442 20.80 7.73 -12.56
C PRO A 442 20.25 6.62 -11.70
N LEU A 443 20.83 5.44 -11.87
CA LEU A 443 20.39 4.23 -11.21
C LEU A 443 20.28 4.37 -9.66
N VAL A 444 21.23 5.05 -9.06
CA VAL A 444 21.17 5.24 -7.61
C VAL A 444 21.98 6.46 -7.20
N TYR A 445 21.41 7.21 -6.27
CA TYR A 445 22.18 8.27 -5.60
C TYR A 445 21.80 8.32 -4.12
N GLU A 446 22.67 8.95 -3.35
CA GLU A 446 22.56 9.08 -1.88
C GLU A 446 22.39 10.55 -1.55
N ALA A 447 21.41 10.86 -0.73
CA ALA A 447 21.16 12.25 -0.24
C ALA A 447 22.32 12.80 0.59
N LEU A 448 22.51 14.10 0.55
CA LEU A 448 23.62 14.79 1.19
C LEU A 448 23.39 15.01 2.69
N SER A 449 22.12 14.90 3.14
CA SER A 449 21.70 15.20 4.52
C SER A 449 20.26 14.73 4.67
N TRP A 450 19.76 14.75 5.91
CA TRP A 450 18.36 14.44 6.14
C TRP A 450 17.48 15.41 5.35
N GLN A 451 17.81 16.71 5.38
CA GLN A 451 16.91 17.69 4.74
C GLN A 451 16.92 17.51 3.22
N HIS A 452 18.10 17.31 2.64
CA HIS A 452 18.19 16.96 1.22
C HIS A 452 17.35 15.72 0.94
N GLY A 453 17.47 14.68 1.80
CA GLY A 453 16.72 13.44 1.57
C GLY A 453 15.20 13.65 1.58
N VAL A 454 14.68 14.54 2.41
CA VAL A 454 13.21 14.80 2.42
C VAL A 454 12.82 15.55 1.15
N PHE A 455 13.68 16.45 0.72
CA PHE A 455 13.47 17.08 -0.57
C PHE A 455 13.45 16.03 -1.70
N VAL A 456 14.34 15.04 -1.63
CA VAL A 456 14.41 14.03 -2.68
C VAL A 456 13.12 13.20 -2.64
N GLY A 457 12.66 12.80 -1.46
CA GLY A 457 11.35 12.12 -1.41
C GLY A 457 10.25 13.00 -2.01
N ALA A 458 10.26 14.29 -1.68
CA ALA A 458 9.25 15.23 -2.20
C ALA A 458 9.26 15.35 -3.70
N ALA A 459 10.40 14.98 -4.31
CA ALA A 459 10.58 15.05 -5.78
C ALA A 459 10.34 13.77 -6.58
N MET A 460 9.85 12.72 -5.94
CA MET A 460 9.56 11.45 -6.59
C MET A 460 8.49 11.58 -7.67
N ARG A 461 8.64 10.71 -8.70
CA ARG A 461 7.68 10.65 -9.84
C ARG A 461 7.27 9.24 -10.21
N SER A 462 6.06 9.15 -10.74
CA SER A 462 5.51 7.90 -11.17
C SER A 462 5.09 8.12 -12.62
N GLU A 463 4.47 7.08 -13.21
CA GLU A 463 3.78 7.18 -14.52
C GLU A 463 4.67 7.86 -15.53
N GLY A 464 5.77 7.19 -15.87
CA GLY A 464 6.69 7.62 -16.92
C GLY A 464 7.37 8.95 -16.67
N GLY A 465 7.66 9.26 -15.40
CA GLY A 465 8.38 10.47 -15.08
C GLY A 465 7.55 11.74 -15.18
N ILE A 466 6.24 11.59 -15.37
CA ILE A 466 5.37 12.76 -15.52
C ILE A 466 4.71 13.18 -14.19
N MET A 467 3.95 12.28 -13.60
CA MET A 467 3.19 12.56 -12.39
CA MET A 467 3.20 12.57 -12.38
C MET A 467 4.10 12.69 -11.15
N HIS A 468 3.90 13.74 -10.36
CA HIS A 468 4.61 13.86 -9.06
C HIS A 468 3.90 13.00 -8.06
N ASP A 469 4.67 12.18 -7.33
CA ASP A 469 4.08 11.33 -6.31
C ASP A 469 5.03 11.36 -5.10
N PRO A 470 5.02 12.47 -4.37
CA PRO A 470 5.99 12.68 -3.31
C PRO A 470 5.85 11.57 -2.27
N PHE A 471 6.99 10.94 -1.95
CA PHE A 471 7.06 9.89 -0.89
C PHE A 471 6.14 8.70 -1.23
N ALA A 472 5.69 8.58 -2.47
CA ALA A 472 4.72 7.49 -2.86
C ALA A 472 3.40 7.64 -2.13
N MET A 473 3.12 8.85 -1.59
CA MET A 473 1.93 9.04 -0.78
C MET A 473 0.84 9.91 -1.42
N ARG A 474 1.00 10.26 -2.70
CA ARG A 474 0.06 11.24 -3.30
C ARG A 474 -1.44 10.91 -3.01
N PRO A 475 -1.87 9.66 -3.18
CA PRO A 475 -3.28 9.30 -2.95
C PRO A 475 -3.65 9.04 -1.49
N PHE A 476 -2.67 9.17 -0.60
CA PHE A 476 -2.75 8.61 0.78
C PHE A 476 -2.52 9.58 1.92
N PHE A 477 -2.13 10.82 1.67
CA PHE A 477 -1.90 11.78 2.75
C PHE A 477 -3.13 11.92 3.64
N GLY A 478 -2.97 11.77 4.95
CA GLY A 478 -4.12 11.97 5.81
C GLY A 478 -4.35 13.43 6.19
N TYR A 479 -3.44 14.31 5.77
CA TYR A 479 -3.45 15.72 6.17
C TYR A 479 -2.55 16.51 5.20
N ASN A 480 -2.46 17.81 5.42
CA ASN A 480 -1.83 18.73 4.46
C ASN A 480 -0.41 18.32 4.16
N PHE A 481 -0.10 18.11 2.88
CA PHE A 481 1.27 17.63 2.51
C PHE A 481 2.39 18.55 2.99
N GLY A 482 2.16 19.87 3.00
CA GLY A 482 3.18 20.80 3.50
C GLY A 482 3.56 20.44 4.94
N LYS A 483 2.51 20.20 5.74
CA LYS A 483 2.70 19.83 7.13
C LYS A 483 3.35 18.48 7.26
N TYR A 484 3.08 17.58 6.31
CA TYR A 484 3.77 16.28 6.39
C TYR A 484 5.26 16.46 6.13
N LEU A 485 5.63 17.30 5.17
CA LEU A 485 7.06 17.64 4.96
C LEU A 485 7.72 18.19 6.25
N ALA A 486 7.04 19.10 6.91
CA ALA A 486 7.49 19.72 8.15
C ALA A 486 7.69 18.61 9.18
N HIS A 487 6.73 17.66 9.21
CA HIS A 487 6.84 16.53 10.19
C HIS A 487 8.09 15.69 9.92
N TRP A 488 8.29 15.30 8.66
CA TRP A 488 9.53 14.58 8.32
C TRP A 488 10.78 15.37 8.70
N LEU A 489 10.79 16.65 8.37
CA LEU A 489 11.97 17.50 8.67
C LEU A 489 12.21 17.57 10.20
N SER A 490 11.14 17.50 10.97
CA SER A 490 11.27 17.61 12.42
C SER A 490 12.04 16.48 13.00
N MET A 491 12.12 15.34 12.33
CA MET A 491 12.87 14.19 12.85
CA MET A 491 12.88 14.20 12.87
C MET A 491 14.36 14.49 13.07
N ALA A 492 14.93 15.40 12.29
CA ALA A 492 16.34 15.76 12.44
C ALA A 492 16.60 16.39 13.82
N HIS A 493 15.56 16.86 14.47
CA HIS A 493 15.72 17.60 15.74
C HIS A 493 15.34 16.78 16.93
N ARG A 494 15.01 15.51 16.70
CA ARG A 494 14.76 14.58 17.79
C ARG A 494 16.11 14.16 18.40
N PRO A 495 16.33 14.52 19.68
CA PRO A 495 17.64 14.26 20.28
C PRO A 495 18.06 12.79 20.21
N ALA A 496 19.31 12.56 19.81
CA ALA A 496 19.89 11.22 19.65
C ALA A 496 19.21 10.29 18.62
N ALA A 497 18.30 10.84 17.80
CA ALA A 497 17.73 10.05 16.69
C ALA A 497 18.88 9.49 15.82
N LYS A 498 18.78 8.21 15.41
CA LYS A 498 19.74 7.62 14.49
C LYS A 498 19.07 7.67 13.13
N LEU A 499 19.34 8.75 12.44
CA LEU A 499 18.63 9.05 11.22
C LEU A 499 19.09 8.10 10.12
N PRO A 500 18.14 7.41 9.47
CA PRO A 500 18.59 6.57 8.36
C PRO A 500 19.24 7.37 7.21
N LYS A 501 20.22 6.73 6.56
CA LYS A 501 20.71 7.22 5.27
C LYS A 501 19.60 7.15 4.25
N ILE A 502 19.51 8.17 3.39
CA ILE A 502 18.44 8.22 2.37
C ILE A 502 19.04 8.10 1.00
N PHE A 503 18.46 7.20 0.21
CA PHE A 503 18.88 6.96 -1.17
C PHE A 503 17.70 7.19 -2.10
N HIS A 504 18.01 7.42 -3.38
CA HIS A 504 17.00 7.42 -4.43
C HIS A 504 17.44 6.46 -5.53
N VAL A 505 16.53 5.58 -5.94
CA VAL A 505 16.83 4.66 -7.05
C VAL A 505 16.01 4.95 -8.29
N ASN A 506 16.49 4.44 -9.42
CA ASN A 506 15.71 4.51 -10.64
C ASN A 506 15.99 3.23 -11.41
N TRP A 507 15.03 2.32 -11.37
CA TRP A 507 15.15 1.11 -12.22
C TRP A 507 14.80 1.37 -13.66
N PHE A 508 14.24 2.53 -13.94
CA PHE A 508 13.47 2.71 -15.19
C PHE A 508 14.07 3.62 -16.26
N ARG A 509 15.36 3.96 -16.17
CA ARG A 509 16.00 4.81 -17.18
C ARG A 509 16.03 4.06 -18.50
N LYS A 510 15.69 4.77 -19.58
CA LYS A 510 15.69 4.20 -20.94
C LYS A 510 16.69 4.91 -21.85
N ASP A 511 17.18 4.18 -22.84
CA ASP A 511 17.92 4.83 -23.94
C ASP A 511 16.94 5.45 -24.95
N LYS A 512 17.46 6.04 -26.03
CA LYS A 512 16.65 6.74 -27.08
C LYS A 512 15.60 5.87 -27.78
N ASN A 513 15.83 4.55 -27.75
CA ASN A 513 14.97 3.58 -28.39
C ASN A 513 13.92 3.06 -27.42
N GLY A 514 13.99 3.55 -26.18
CA GLY A 514 13.03 3.13 -25.19
C GLY A 514 13.40 1.84 -24.53
N LYS A 515 14.65 1.44 -24.63
CA LYS A 515 15.06 0.21 -23.97
C LYS A 515 15.56 0.52 -22.56
N PHE A 516 15.13 -0.28 -21.59
CA PHE A 516 15.71 -0.14 -20.23
C PHE A 516 17.24 -0.31 -20.24
N LEU A 517 17.94 0.60 -19.58
CA LEU A 517 19.40 0.54 -19.46
C LEU A 517 19.86 -0.42 -18.32
N TRP A 518 18.94 -0.76 -17.42
CA TRP A 518 19.25 -1.64 -16.30
C TRP A 518 18.33 -2.83 -16.30
N PRO A 519 18.90 -4.06 -16.09
CA PRO A 519 18.06 -5.26 -16.16
C PRO A 519 17.14 -5.39 -14.96
N GLY A 520 17.47 -4.78 -13.82
CA GLY A 520 16.52 -4.78 -12.70
C GLY A 520 16.22 -6.12 -12.03
N PHE A 521 15.09 -6.17 -11.33
CA PHE A 521 14.66 -7.32 -10.55
C PHE A 521 15.80 -7.85 -9.64
N GLY A 522 16.11 -9.13 -9.70
CA GLY A 522 17.15 -9.70 -8.82
C GLY A 522 18.52 -9.01 -8.98
N GLU A 523 18.76 -8.35 -10.12
CA GLU A 523 20.01 -7.61 -10.33
C GLU A 523 20.09 -6.35 -9.44
N ASN A 524 18.95 -5.91 -8.91
CA ASN A 524 18.93 -4.75 -7.98
C ASN A 524 19.71 -5.01 -6.68
N SER A 525 19.99 -6.30 -6.44
CA SER A 525 20.84 -6.73 -5.32
C SER A 525 22.20 -5.99 -5.34
N ARG A 526 22.65 -5.65 -6.54
CA ARG A 526 23.95 -5.00 -6.74
C ARG A 526 23.87 -3.55 -6.24
N VAL A 527 22.70 -2.93 -6.41
CA VAL A 527 22.44 -1.61 -5.84
C VAL A 527 22.36 -1.69 -4.31
N LEU A 528 21.62 -2.69 -3.80
CA LEU A 528 21.50 -2.83 -2.36
C LEU A 528 22.87 -3.06 -1.70
N GLU A 529 23.76 -3.82 -2.36
CA GLU A 529 25.12 -4.02 -1.86
C GLU A 529 25.79 -2.66 -1.67
N TRP A 530 25.66 -1.77 -2.66
CA TRP A 530 26.28 -0.47 -2.54
C TRP A 530 25.72 0.30 -1.37
N MET A 531 24.38 0.33 -1.21
CA MET A 531 23.76 1.05 -0.08
C MET A 531 24.24 0.49 1.27
N PHE A 532 24.37 -0.81 1.34
CA PHE A 532 24.82 -1.50 2.57
C PHE A 532 26.23 -1.03 2.97
N GLY A 533 27.14 -1.04 2.00
CA GLY A 533 28.51 -0.52 2.19
C GLY A 533 28.47 0.93 2.59
N ARG A 534 27.61 1.74 1.97
CA ARG A 534 27.54 3.12 2.38
C ARG A 534 27.08 3.36 3.79
N ILE A 535 26.09 2.58 4.24
CA ILE A 535 25.66 2.65 5.63
C ILE A 535 26.84 2.25 6.55
N GLU A 536 27.63 1.27 6.12
CA GLU A 536 28.86 0.84 6.88
C GLU A 536 30.02 1.84 6.82
N GLY A 537 29.86 2.90 6.05
CA GLY A 537 30.87 3.95 6.01
C GLY A 537 31.91 3.76 4.94
N GLU A 538 31.68 2.85 4.02
CA GLU A 538 32.67 2.59 2.98
C GLU A 538 32.89 3.76 2.02
N ASP A 539 34.15 3.99 1.64
CA ASP A 539 34.56 5.09 0.77
C ASP A 539 34.25 4.72 -0.68
N SER A 540 32.95 4.52 -0.98
CA SER A 540 32.59 3.99 -2.30
C SER A 540 31.75 4.98 -3.09
N ALA A 541 31.73 6.22 -2.61
CA ALA A 541 30.89 7.28 -3.15
C ALA A 541 31.67 8.46 -3.80
N LYS A 542 31.12 8.98 -4.89
CA LYS A 542 31.64 10.15 -5.55
C LYS A 542 30.61 11.24 -5.41
N LEU A 543 31.03 12.43 -4.99
CA LEU A 543 30.11 13.56 -4.90
C LEU A 543 29.76 14.13 -6.28
N THR A 544 28.49 14.42 -6.50
CA THR A 544 27.97 15.04 -7.73
C THR A 544 26.98 16.12 -7.34
N PRO A 545 26.56 16.98 -8.28
CA PRO A 545 25.53 17.97 -7.91
C PRO A 545 24.20 17.47 -7.33
N ILE A 546 23.85 16.21 -7.60
CA ILE A 546 22.55 15.67 -7.15
C ILE A 546 22.63 14.88 -5.83
N GLY A 547 23.87 14.63 -5.40
CA GLY A 547 24.10 13.73 -4.29
C GLY A 547 25.33 12.87 -4.53
N TYR A 548 25.52 11.86 -3.68
CA TYR A 548 26.57 10.90 -3.92
C TYR A 548 26.16 9.78 -4.86
N VAL A 549 27.05 9.41 -5.78
CA VAL A 549 26.83 8.23 -6.63
C VAL A 549 27.95 7.19 -6.42
N PRO A 550 27.78 5.95 -6.95
CA PRO A 550 28.87 4.99 -6.79
C PRO A 550 30.11 5.45 -7.54
N LYS A 551 31.27 5.23 -6.95
CA LYS A 551 32.53 5.43 -7.69
C LYS A 551 32.60 4.52 -8.90
N GLU A 552 33.46 4.85 -9.87
CA GLU A 552 33.77 3.88 -10.92
C GLU A 552 34.20 2.58 -10.27
N ASP A 553 33.70 1.47 -10.77
CA ASP A 553 34.07 0.16 -10.25
C ASP A 553 33.50 -0.15 -8.85
N ALA A 554 32.75 0.79 -8.23
CA ALA A 554 32.12 0.51 -6.91
C ALA A 554 31.02 -0.56 -6.99
N LEU A 555 30.18 -0.49 -8.02
CA LEU A 555 29.11 -1.49 -8.22
C LEU A 555 29.67 -2.79 -8.75
N ASN A 556 29.16 -3.92 -8.26
CA ASN A 556 29.48 -5.20 -8.84
C ASN A 556 28.66 -5.41 -10.10
N LEU A 557 29.34 -5.33 -11.25
CA LEU A 557 28.66 -5.48 -12.55
C LEU A 557 29.07 -6.78 -13.26
N LYS A 558 29.75 -7.67 -12.53
CA LYS A 558 30.09 -9.01 -13.05
C LYS A 558 28.87 -9.82 -13.43
N GLY A 559 28.87 -10.30 -14.67
CA GLY A 559 27.72 -11.02 -15.22
C GLY A 559 26.82 -10.10 -16.01
N LEU A 560 27.09 -8.79 -15.96
CA LEU A 560 26.31 -7.78 -16.70
C LEU A 560 27.17 -6.88 -17.60
N GLY A 561 28.06 -7.48 -18.40
CA GLY A 561 29.01 -6.65 -19.17
C GLY A 561 28.41 -5.79 -20.27
N ASP A 562 27.17 -6.07 -20.64
CA ASP A 562 26.47 -5.30 -21.70
C ASP A 562 25.78 -4.00 -21.22
N VAL A 563 25.93 -3.67 -19.93
CA VAL A 563 25.38 -2.43 -19.38
C VAL A 563 26.11 -1.17 -19.87
N ASN A 564 25.34 -0.23 -20.40
CA ASN A 564 25.83 1.08 -20.79
C ASN A 564 25.98 1.98 -19.57
N VAL A 565 27.16 1.93 -18.98
CA VAL A 565 27.43 2.62 -17.74
C VAL A 565 27.37 4.15 -17.88
N GLU A 566 27.85 4.67 -19.02
CA GLU A 566 27.90 6.11 -19.29
C GLU A 566 26.51 6.72 -19.26
N GLU A 567 25.57 6.07 -19.95
CA GLU A 567 24.20 6.54 -20.05
C GLU A 567 23.41 6.29 -18.75
N LEU A 568 23.57 5.11 -18.17
CA LEU A 568 22.84 4.80 -16.95
C LEU A 568 23.19 5.74 -15.81
N PHE A 569 24.47 6.12 -15.72
CA PHE A 569 24.93 6.92 -14.60
CA PHE A 569 24.98 6.89 -14.60
C PHE A 569 25.21 8.38 -14.90
N GLY A 570 24.99 8.78 -16.14
CA GLY A 570 25.17 10.19 -16.57
C GLY A 570 24.32 11.26 -15.89
N ILE A 571 24.92 12.42 -15.70
CA ILE A 571 24.23 13.58 -15.14
C ILE A 571 24.44 14.74 -16.11
N SER A 572 23.34 15.20 -16.68
CA SER A 572 23.31 16.29 -17.67
C SER A 572 22.87 17.60 -17.00
N LYS A 573 23.69 18.65 -17.06
CA LYS A 573 23.27 19.99 -16.62
C LYS A 573 21.93 20.44 -17.24
N GLU A 574 21.77 20.21 -18.53
CA GLU A 574 20.55 20.57 -19.21
C GLU A 574 19.32 19.88 -18.61
N PHE A 575 19.43 18.56 -18.36
CA PHE A 575 18.32 17.81 -17.79
C PHE A 575 18.01 18.36 -16.39
N TRP A 576 19.06 18.59 -15.61
CA TRP A 576 18.86 18.97 -14.19
C TRP A 576 18.37 20.39 -14.00
N GLU A 577 18.69 21.29 -14.95
CA GLU A 577 18.09 22.64 -14.96
C GLU A 577 16.59 22.57 -15.15
N LYS A 578 16.13 21.72 -16.06
CA LYS A 578 14.71 21.58 -16.30
C LYS A 578 14.05 20.99 -15.09
N GLU A 579 14.72 20.00 -14.49
CA GLU A 579 14.13 19.27 -13.36
C GLU A 579 13.88 20.22 -12.19
N VAL A 580 14.87 21.06 -11.91
CA VAL A 580 14.70 21.98 -10.79
C VAL A 580 13.60 23.02 -11.12
N GLU A 581 13.51 23.46 -12.39
CA GLU A 581 12.43 24.36 -12.79
C GLU A 581 11.07 23.68 -12.61
N GLU A 582 10.93 22.41 -13.05
CA GLU A 582 9.69 21.66 -12.93
CA GLU A 582 9.63 21.74 -12.90
C GLU A 582 9.32 21.47 -11.43
N ILE A 583 10.32 21.16 -10.62
CA ILE A 583 10.03 20.94 -9.19
C ILE A 583 9.53 22.28 -8.58
N ASP A 584 10.23 23.37 -8.91
CA ASP A 584 9.83 24.70 -8.45
C ASP A 584 8.37 25.01 -8.77
N LYS A 585 7.97 24.80 -10.03
CA LYS A 585 6.62 25.11 -10.46
C LYS A 585 5.61 24.26 -9.69
N TYR A 586 5.93 22.98 -9.54
CA TYR A 586 5.02 22.06 -8.87
C TYR A 586 4.82 22.45 -7.38
N LEU A 587 5.92 22.68 -6.68
CA LEU A 587 5.85 22.99 -5.25
C LEU A 587 5.12 24.31 -5.07
N GLU A 588 5.38 25.28 -5.96
CA GLU A 588 4.59 26.52 -5.93
C GLU A 588 3.09 26.31 -6.21
N ASP A 589 2.77 25.56 -7.27
CA ASP A 589 1.38 25.33 -7.60
C ASP A 589 0.65 24.56 -6.50
N GLN A 590 1.29 23.54 -5.96
CA GLN A 590 0.53 22.55 -5.16
C GLN A 590 0.73 22.67 -3.67
N VAL A 591 1.79 23.36 -3.28
CA VAL A 591 2.10 23.42 -1.85
C VAL A 591 2.13 24.88 -1.34
N ASN A 592 2.68 25.78 -2.17
CA ASN A 592 2.77 27.24 -1.90
C ASN A 592 2.99 27.63 -0.44
N ALA A 593 1.96 28.21 0.19
CA ALA A 593 2.07 28.79 1.55
C ALA A 593 2.48 27.78 2.62
N ASP A 594 2.24 26.50 2.36
CA ASP A 594 2.52 25.45 3.32
C ASP A 594 3.88 24.76 3.05
N LEU A 595 4.65 25.22 2.06
CA LEU A 595 6.00 24.69 1.84
C LEU A 595 7.01 25.10 2.95
N PRO A 596 7.65 24.12 3.63
CA PRO A 596 8.64 24.46 4.66
C PRO A 596 9.88 25.15 4.08
N TYR A 597 10.43 26.10 4.87
CA TYR A 597 11.63 26.80 4.41
CA TYR A 597 11.71 26.79 4.60
C TYR A 597 12.75 25.85 4.04
N GLU A 598 12.94 24.76 4.76
CA GLU A 598 14.04 23.84 4.41
C GLU A 598 13.89 23.19 3.05
N ILE A 599 12.66 23.01 2.60
CA ILE A 599 12.43 22.39 1.29
C ILE A 599 12.79 23.42 0.23
N GLU A 600 12.31 24.66 0.45
CA GLU A 600 12.71 25.77 -0.41
CA GLU A 600 12.71 25.76 -0.40
C GLU A 600 14.23 25.92 -0.47
N ARG A 601 14.91 25.76 0.66
CA ARG A 601 16.36 25.93 0.73
C ARG A 601 17.07 24.81 -0.07
N GLU A 602 16.56 23.58 0.08
CA GLU A 602 17.12 22.48 -0.71
C GLU A 602 16.95 22.66 -2.21
N LEU A 603 15.79 23.18 -2.63
CA LEU A 603 15.55 23.47 -4.05
C LEU A 603 16.56 24.51 -4.54
N ARG A 604 16.76 25.56 -3.76
CA ARG A 604 17.80 26.54 -4.12
C ARG A 604 19.19 25.96 -4.12
N ALA A 605 19.51 25.09 -3.17
CA ALA A 605 20.85 24.52 -3.12
C ALA A 605 21.11 23.66 -4.35
N LEU A 606 20.10 22.88 -4.73
CA LEU A 606 20.22 22.04 -5.92
C LEU A 606 20.41 22.91 -7.18
N LYS A 607 19.57 23.93 -7.32
CA LYS A 607 19.69 24.85 -8.43
CA LYS A 607 19.69 24.87 -8.43
C LYS A 607 21.11 25.41 -8.48
N GLN A 608 21.63 25.79 -7.31
CA GLN A 608 22.93 26.38 -7.28
C GLN A 608 24.04 25.40 -7.68
N ARG A 609 24.00 24.17 -7.16
CA ARG A 609 24.98 23.15 -7.56
C ARG A 609 24.92 22.89 -9.08
N ILE A 610 23.70 22.86 -9.63
CA ILE A 610 23.57 22.60 -11.07
CA ILE A 610 23.48 22.65 -11.07
C ILE A 610 24.14 23.79 -11.86
N SER A 611 23.89 25.01 -11.41
CA SER A 611 24.49 26.21 -12.04
C SER A 611 26.01 26.16 -12.15
N GLN A 612 26.68 25.39 -11.31
CA GLN A 612 28.14 25.38 -11.34
C GLN A 612 28.73 24.30 -12.24
N MET A 613 27.86 23.53 -12.91
CA MET A 613 28.28 22.53 -13.86
C MET A 613 28.76 23.18 -15.14
PG GTP B . 1.19 -1.39 -5.07
O1G GTP B . 1.18 -2.86 -4.73
O2G GTP B . 1.69 -0.46 -4.02
O3G GTP B . 0.01 -0.89 -5.92
O3B GTP B . 2.42 -1.30 -6.07
PB GTP B . 3.96 -1.87 -6.11
O1B GTP B . 4.07 -3.15 -5.35
O2B GTP B . 4.95 -0.78 -5.76
O3A GTP B . 4.23 -2.08 -7.68
PA GTP B . 3.69 -3.22 -8.68
O1A GTP B . 3.55 -4.55 -7.94
O2A GTP B . 2.58 -2.53 -9.46
O5' GTP B . 5.02 -3.18 -9.58
C5' GTP B . 5.07 -3.97 -10.76
C4' GTP B . 5.61 -3.15 -11.91
O4' GTP B . 6.94 -2.76 -11.56
C3' GTP B . 5.71 -4.02 -13.15
O3' GTP B . 5.46 -3.17 -14.28
C2' GTP B . 7.18 -4.44 -13.13
O2' GTP B . 7.69 -4.81 -14.42
C1' GTP B . 7.83 -3.19 -12.61
N9 GTP B . 9.12 -3.42 -11.97
C8 GTP B . 9.30 -3.79 -10.71
N7 GTP B . 10.62 -3.90 -10.49
C5 GTP B . 11.30 -3.56 -11.61
C6 GTP B . 12.70 -3.46 -12.09
O6 GTP B . 13.69 -3.73 -11.34
N1 GTP B . 12.94 -3.10 -13.36
C2 GTP B . 11.93 -2.79 -14.21
N2 GTP B . 12.21 -2.42 -15.49
N3 GTP B . 10.64 -2.87 -13.85
C4 GTP B . 10.29 -3.24 -12.59
MN MN C . 0.36 0.17 -2.27
MN MN D . 2.64 -4.20 -4.14
NA NA E . -18.09 -12.46 -9.94
NA NA F . 15.65 21.81 10.71
C1 OXL G . -2.09 -0.89 -3.27
C2 OXL G . -1.87 0.46 -3.86
O1 OXL G . -3.23 -1.55 -3.30
O2 OXL G . -2.85 0.83 -4.60
O3 OXL G . -1.09 -1.39 -2.65
O4 OXL G . -0.80 1.15 -3.59
#